data_1BPS
# 
_entry.id   1BPS 
# 
_audit_conform.dict_name       mmcif_pdbx.dic 
_audit_conform.dict_version    5.383 
_audit_conform.dict_location   http://mmcif.pdb.org/dictionaries/ascii/mmcif_pdbx.dic 
# 
loop_
_database_2.database_id 
_database_2.database_code 
_database_2.pdbx_database_accession 
_database_2.pdbx_DOI 
PDB   1BPS         pdb_00001bps 10.2210/pdb1bps/pdb 
RCSB  RCSB008021   ?            ?                   
WWPDB D_1000008021 ?            ?                   
# 
loop_
_pdbx_audit_revision_history.ordinal 
_pdbx_audit_revision_history.data_content_type 
_pdbx_audit_revision_history.major_revision 
_pdbx_audit_revision_history.minor_revision 
_pdbx_audit_revision_history.revision_date 
1 'Structure model' 1 0 1998-08-19 
2 'Structure model' 1 1 2007-10-16 
3 'Structure model' 1 2 2011-07-13 
4 'Structure model' 1 3 2021-11-03 
5 'Structure model' 1 4 2023-12-27 
# 
_pdbx_audit_revision_details.ordinal             1 
_pdbx_audit_revision_details.revision_ordinal    1 
_pdbx_audit_revision_details.data_content_type   'Structure model' 
_pdbx_audit_revision_details.provider            repository 
_pdbx_audit_revision_details.type                'Initial release' 
_pdbx_audit_revision_details.description         ? 
_pdbx_audit_revision_details.details             ? 
# 
loop_
_pdbx_audit_revision_group.ordinal 
_pdbx_audit_revision_group.revision_ordinal 
_pdbx_audit_revision_group.data_content_type 
_pdbx_audit_revision_group.group 
1 2 'Structure model' 'Version format compliance' 
2 3 'Structure model' 'Version format compliance' 
3 4 'Structure model' 'Data collection'           
4 4 'Structure model' 'Database references'       
5 4 'Structure model' 'Derived calculations'      
6 4 'Structure model' 'Source and taxonomy'       
7 5 'Structure model' 'Data collection'           
# 
loop_
_pdbx_audit_revision_category.ordinal 
_pdbx_audit_revision_category.revision_ordinal 
_pdbx_audit_revision_category.data_content_type 
_pdbx_audit_revision_category.category 
1  4 'Structure model' database_2              
2  4 'Structure model' pdbx_entity_src_syn     
3  4 'Structure model' pdbx_nmr_exptl          
4  4 'Structure model' pdbx_nmr_representative 
5  4 'Structure model' pdbx_nmr_software       
6  4 'Structure model' pdbx_nmr_spectrometer   
7  4 'Structure model' pdbx_struct_assembly    
8  4 'Structure model' pdbx_struct_oper_list   
9  4 'Structure model' struct_conn             
10 4 'Structure model' struct_site             
11 5 'Structure model' chem_comp_atom          
12 5 'Structure model' chem_comp_bond          
# 
loop_
_pdbx_audit_revision_item.ordinal 
_pdbx_audit_revision_item.revision_ordinal 
_pdbx_audit_revision_item.data_content_type 
_pdbx_audit_revision_item.item 
1  4 'Structure model' '_database_2.pdbx_DOI'                
2  4 'Structure model' '_database_2.pdbx_database_accession' 
3  4 'Structure model' '_pdbx_nmr_exptl.type'                
4  4 'Structure model' '_pdbx_nmr_software.authors'          
5  4 'Structure model' '_pdbx_nmr_software.classification'   
6  4 'Structure model' '_pdbx_nmr_software.name'             
7  4 'Structure model' '_pdbx_nmr_spectrometer.model'        
8  4 'Structure model' '_struct_conn.pdbx_leaving_atom_flag' 
9  4 'Structure model' '_struct_site.pdbx_auth_asym_id'      
10 4 'Structure model' '_struct_site.pdbx_auth_comp_id'      
11 4 'Structure model' '_struct_site.pdbx_auth_seq_id'       
# 
_pdbx_database_status.status_code                     REL 
_pdbx_database_status.entry_id                        1BPS 
_pdbx_database_status.recvd_initial_deposition_date   1998-08-06 
_pdbx_database_status.deposit_site                    BNL 
_pdbx_database_status.process_site                    RCSB 
_pdbx_database_status.SG_entry                        . 
_pdbx_database_status.pdb_format_compatible           Y 
_pdbx_database_status.status_code_mr                  ? 
_pdbx_database_status.status_code_sf                  ? 
_pdbx_database_status.status_code_cs                  ? 
_pdbx_database_status.status_code_nmr_data            ? 
_pdbx_database_status.methods_development_category    ? 
# 
loop_
_audit_author.name 
_audit_author.pdbx_ordinal 
'Schwartz, J.S.'   1 
'Rice, J.S.'       2 
'Luxon, B.A.'      3 
'Sayer, J.M.'      4 
'Xie, G.'          5 
'Yeh, H.J.C.'      6 
'Liu, X.'          7 
'Jerina, D.M.'     8 
'Gorenstein, D.G.' 9 
# 
_citation.id                        primary 
_citation.title                     
;Solution structure of the minor conformer of a DNA duplex containing a dG mismatch opposite a benzo[a]pyrene diol epoxide/dA adduct: glycosidic rotation from syn to anti at the modified deoxyadenosine.
;
_citation.journal_abbrev            Biochemistry 
_citation.journal_volume            36 
_citation.page_first                11069 
_citation.page_last                 11076 
_citation.year                      1997 
_citation.journal_id_ASTM           BICHAW 
_citation.country                   US 
_citation.journal_id_ISSN           0006-2960 
_citation.journal_id_CSD            0033 
_citation.book_publisher            ? 
_citation.pdbx_database_id_PubMed   9333324 
_citation.pdbx_database_id_DOI      10.1021/bi971306u 
# 
loop_
_citation_author.citation_id 
_citation_author.name 
_citation_author.ordinal 
_citation_author.identifier_ORCID 
primary 'Schwartz, J.L.'   1 ? 
primary 'Rice, J.S.'       2 ? 
primary 'Luxon, B.A.'      3 ? 
primary 'Sayer, J.M.'      4 ? 
primary 'Xie, G.'          5 ? 
primary 'Yeh, H.J.'        6 ? 
primary 'Liu, X.'          7 ? 
primary 'Jerina, D.M.'     8 ? 
primary 'Gorenstein, D.G.' 9 ? 
# 
loop_
_entity.id 
_entity.type 
_entity.src_method 
_entity.pdbx_description 
_entity.formula_weight 
_entity.pdbx_number_of_molecules 
_entity.pdbx_ec 
_entity.pdbx_mutation 
_entity.pdbx_fragment 
_entity.details 
1 polymer     syn 
;DNA (5'-D(*GP*GP*TP*CP*(BAP)AP*CP*GP*AP*G)-3')
;
2780.836 1 ? ? ? 
;(+)-(7R,8S,9S,10R)-7,8-DIHYDROXY-9,10-EPOXY-7,8,9,10-
TETRAHYDROBENZO[A]PYRENE IS COVALENTLY BONDED TO THE
EXOCYCLIC N6 AMINO GROUP OF DEOXYADENOSINE IN THE CENTER
OF THE DUPLEX THROUGH TRANS ADDITION AT THE C10 OF THE
EPOXIDE.
;
2 polymer     syn 
;DNA (5'-D(*CP*TP*CP*GP*GP*GP*AP*CP*C)-3')
;
2716.787 1 ? ? ? 'BENZO[A]PYRENE DIOL EPOXIDE ADDUCT OF DA' 
3 non-polymer syn '1,2,3-TRIHYDROXY-1,2,3,4-TETRAHYDROBENZO[A]PYRENE' 304.339  1 ? ? ? ? 
# 
loop_
_entity_poly.entity_id 
_entity_poly.type 
_entity_poly.nstd_linkage 
_entity_poly.nstd_monomer 
_entity_poly.pdbx_seq_one_letter_code 
_entity_poly.pdbx_seq_one_letter_code_can 
_entity_poly.pdbx_strand_id 
_entity_poly.pdbx_target_identifier 
1 polydeoxyribonucleotide no no '(DG)(DG)(DT)(DC)(DA)(DC)(DG)(DA)(DG)' GGTCACGAG A ? 
2 polydeoxyribonucleotide no no '(DC)(DT)(DC)(DG)(DG)(DG)(DA)(DC)(DC)' CTCGGGACC B ? 
# 
_pdbx_entity_nonpoly.entity_id   3 
_pdbx_entity_nonpoly.name        '1,2,3-TRIHYDROXY-1,2,3,4-TETRAHYDROBENZO[A]PYRENE' 
_pdbx_entity_nonpoly.comp_id     BAP 
# 
loop_
_entity_poly_seq.entity_id 
_entity_poly_seq.num 
_entity_poly_seq.mon_id 
_entity_poly_seq.hetero 
1 1 DG n 
1 2 DG n 
1 3 DT n 
1 4 DC n 
1 5 DA n 
1 6 DC n 
1 7 DG n 
1 8 DA n 
1 9 DG n 
2 1 DC n 
2 2 DT n 
2 3 DC n 
2 4 DG n 
2 5 DG n 
2 6 DG n 
2 7 DA n 
2 8 DC n 
2 9 DC n 
# 
loop_
_pdbx_entity_src_syn.entity_id 
_pdbx_entity_src_syn.pdbx_src_id 
_pdbx_entity_src_syn.pdbx_alt_source_flag 
_pdbx_entity_src_syn.pdbx_beg_seq_num 
_pdbx_entity_src_syn.pdbx_end_seq_num 
_pdbx_entity_src_syn.organism_scientific 
_pdbx_entity_src_syn.organism_common_name 
_pdbx_entity_src_syn.ncbi_taxonomy_id 
_pdbx_entity_src_syn.details 
1 1 sample ? ? 'synthetic construct' ? 32630 ? 
2 1 sample ? ? 'synthetic construct' ? 32630 ? 
# 
loop_
_chem_comp.id 
_chem_comp.type 
_chem_comp.mon_nstd_flag 
_chem_comp.name 
_chem_comp.pdbx_synonyms 
_chem_comp.formula 
_chem_comp.formula_weight 
BAP non-polymer   . '1,2,3-TRIHYDROXY-1,2,3,4-TETRAHYDROBENZO[A]PYRENE' ? 'C20 H16 O3'      304.339 
DA  'DNA linking' y "2'-DEOXYADENOSINE-5'-MONOPHOSPHATE"                ? 'C10 H14 N5 O6 P' 331.222 
DC  'DNA linking' y "2'-DEOXYCYTIDINE-5'-MONOPHOSPHATE"                 ? 'C9 H14 N3 O7 P'  307.197 
DG  'DNA linking' y "2'-DEOXYGUANOSINE-5'-MONOPHOSPHATE"                ? 'C10 H14 N5 O7 P' 347.221 
DT  'DNA linking' y "THYMIDINE-5'-MONOPHOSPHATE"                        ? 'C10 H15 N2 O8 P' 322.208 
# 
loop_
_pdbx_poly_seq_scheme.asym_id 
_pdbx_poly_seq_scheme.entity_id 
_pdbx_poly_seq_scheme.seq_id 
_pdbx_poly_seq_scheme.mon_id 
_pdbx_poly_seq_scheme.ndb_seq_num 
_pdbx_poly_seq_scheme.pdb_seq_num 
_pdbx_poly_seq_scheme.auth_seq_num 
_pdbx_poly_seq_scheme.pdb_mon_id 
_pdbx_poly_seq_scheme.auth_mon_id 
_pdbx_poly_seq_scheme.pdb_strand_id 
_pdbx_poly_seq_scheme.pdb_ins_code 
_pdbx_poly_seq_scheme.hetero 
A 1 1 DG 1 1  1  DG G  A . n 
A 1 2 DG 2 2  2  DG G  A . n 
A 1 3 DT 3 3  3  DT T  A . n 
A 1 4 DC 4 4  4  DC C  A . n 
A 1 5 DA 5 5  5  DA +A A . n 
A 1 6 DC 6 6  6  DC C  A . n 
A 1 7 DG 7 7  7  DG G  A . n 
A 1 8 DA 8 8  8  DA A  A . n 
A 1 9 DG 9 9  9  DG G  A . n 
B 2 1 DC 1 10 10 DC C  B . n 
B 2 2 DT 2 11 11 DT T  B . n 
B 2 3 DC 3 12 12 DC C  B . n 
B 2 4 DG 4 13 13 DG G  B . n 
B 2 5 DG 5 14 14 DG G  B . n 
B 2 6 DG 6 15 15 DG G  B . n 
B 2 7 DA 7 16 16 DA A  B . n 
B 2 8 DC 8 17 17 DC C  B . n 
B 2 9 DC 9 18 18 DC C  B . n 
# 
_pdbx_nonpoly_scheme.asym_id         C 
_pdbx_nonpoly_scheme.entity_id       3 
_pdbx_nonpoly_scheme.mon_id          BAP 
_pdbx_nonpoly_scheme.ndb_seq_num     1 
_pdbx_nonpoly_scheme.pdb_seq_num     10 
_pdbx_nonpoly_scheme.auth_seq_num    5 
_pdbx_nonpoly_scheme.pdb_mon_id      BAP 
_pdbx_nonpoly_scheme.auth_mon_id     BAP 
_pdbx_nonpoly_scheme.pdb_strand_id   A 
_pdbx_nonpoly_scheme.pdb_ins_code    . 
# 
_cell.entry_id           1BPS 
_cell.length_a           1.000 
_cell.length_b           1.000 
_cell.length_c           1.000 
_cell.angle_alpha        90.00 
_cell.angle_beta         90.00 
_cell.angle_gamma        90.00 
_cell.Z_PDB              1 
_cell.pdbx_unique_axis   ? 
# 
_symmetry.entry_id                         1BPS 
_symmetry.space_group_name_H-M             'P 1' 
_symmetry.pdbx_full_space_group_name_H-M   ? 
_symmetry.cell_setting                     ? 
_symmetry.Int_Tables_number                1 
# 
_exptl.entry_id          1BPS 
_exptl.method            'SOLUTION NMR' 
_exptl.crystals_number   ? 
# 
_struct.entry_id                  1BPS 
_struct.title                     'MINOR CONFORMER OF A BENZO[A]PYRENE DIOL EPOXIDE ADDUCT OF DA IN DUPLEX DNA' 
_struct.pdbx_model_details        ? 
_struct.pdbx_CASP_flag            ? 
_struct.pdbx_model_type_details   ? 
# 
_struct_keywords.entry_id        1BPS 
_struct_keywords.pdbx_keywords   DNA 
_struct_keywords.text            'DEOXYRIBONUCLEIC ACID, BENZO[A]PYRENE DIOL EPOXIDE ADDUCT, DUPLEX DNA, DNA' 
# 
loop_
_struct_asym.id 
_struct_asym.pdbx_blank_PDB_chainid_flag 
_struct_asym.pdbx_modified 
_struct_asym.entity_id 
_struct_asym.details 
A N N 1 ? 
B N N 2 ? 
C N N 3 ? 
# 
loop_
_struct_ref.id 
_struct_ref.entity_id 
_struct_ref.db_name 
_struct_ref.db_code 
_struct_ref.pdbx_db_accession 
_struct_ref.pdbx_db_isoform 
_struct_ref.pdbx_seq_one_letter_code 
_struct_ref.pdbx_align_begin 
1 1 PDB 1BPS 1BPS ? ? ? 
2 2 PDB 1BPS 1BPS ? ? ? 
# 
loop_
_struct_ref_seq.align_id 
_struct_ref_seq.ref_id 
_struct_ref_seq.pdbx_PDB_id_code 
_struct_ref_seq.pdbx_strand_id 
_struct_ref_seq.seq_align_beg 
_struct_ref_seq.pdbx_seq_align_beg_ins_code 
_struct_ref_seq.seq_align_end 
_struct_ref_seq.pdbx_seq_align_end_ins_code 
_struct_ref_seq.pdbx_db_accession 
_struct_ref_seq.db_align_beg 
_struct_ref_seq.pdbx_db_align_beg_ins_code 
_struct_ref_seq.db_align_end 
_struct_ref_seq.pdbx_db_align_end_ins_code 
_struct_ref_seq.pdbx_auth_seq_align_beg 
_struct_ref_seq.pdbx_auth_seq_align_end 
1 1 1BPS A 1 ? 9 ? 1BPS 1  ? 9  ? 1  9  
2 2 1BPS B 1 ? 9 ? 1BPS 10 ? 18 ? 10 18 
# 
_pdbx_struct_assembly.id                   1 
_pdbx_struct_assembly.details              author_defined_assembly 
_pdbx_struct_assembly.method_details       ? 
_pdbx_struct_assembly.oligomeric_details   dimeric 
_pdbx_struct_assembly.oligomeric_count     2 
# 
_pdbx_struct_assembly_gen.assembly_id       1 
_pdbx_struct_assembly_gen.oper_expression   1 
_pdbx_struct_assembly_gen.asym_id_list      A,B,C 
# 
_pdbx_struct_oper_list.id                   1 
_pdbx_struct_oper_list.type                 'identity operation' 
_pdbx_struct_oper_list.name                 1_555 
_pdbx_struct_oper_list.symmetry_operation   ? 
_pdbx_struct_oper_list.matrix[1][1]         1.0000000000 
_pdbx_struct_oper_list.matrix[1][2]         0.0000000000 
_pdbx_struct_oper_list.matrix[1][3]         0.0000000000 
_pdbx_struct_oper_list.vector[1]            0.0000000000 
_pdbx_struct_oper_list.matrix[2][1]         0.0000000000 
_pdbx_struct_oper_list.matrix[2][2]         1.0000000000 
_pdbx_struct_oper_list.matrix[2][3]         0.0000000000 
_pdbx_struct_oper_list.vector[2]            0.0000000000 
_pdbx_struct_oper_list.matrix[3][1]         0.0000000000 
_pdbx_struct_oper_list.matrix[3][2]         0.0000000000 
_pdbx_struct_oper_list.matrix[3][3]         1.0000000000 
_pdbx_struct_oper_list.vector[3]            0.0000000000 
# 
loop_
_struct_conn.id 
_struct_conn.conn_type_id 
_struct_conn.pdbx_leaving_atom_flag 
_struct_conn.pdbx_PDB_id 
_struct_conn.ptnr1_label_asym_id 
_struct_conn.ptnr1_label_comp_id 
_struct_conn.ptnr1_label_seq_id 
_struct_conn.ptnr1_label_atom_id 
_struct_conn.pdbx_ptnr1_label_alt_id 
_struct_conn.pdbx_ptnr1_PDB_ins_code 
_struct_conn.pdbx_ptnr1_standard_comp_id 
_struct_conn.ptnr1_symmetry 
_struct_conn.ptnr2_label_asym_id 
_struct_conn.ptnr2_label_comp_id 
_struct_conn.ptnr2_label_seq_id 
_struct_conn.ptnr2_label_atom_id 
_struct_conn.pdbx_ptnr2_label_alt_id 
_struct_conn.pdbx_ptnr2_PDB_ins_code 
_struct_conn.ptnr1_auth_asym_id 
_struct_conn.ptnr1_auth_comp_id 
_struct_conn.ptnr1_auth_seq_id 
_struct_conn.ptnr2_auth_asym_id 
_struct_conn.ptnr2_auth_comp_id 
_struct_conn.ptnr2_auth_seq_id 
_struct_conn.ptnr2_symmetry 
_struct_conn.pdbx_ptnr3_label_atom_id 
_struct_conn.pdbx_ptnr3_label_seq_id 
_struct_conn.pdbx_ptnr3_label_comp_id 
_struct_conn.pdbx_ptnr3_label_asym_id 
_struct_conn.pdbx_ptnr3_label_alt_id 
_struct_conn.pdbx_ptnr3_PDB_ins_code 
_struct_conn.details 
_struct_conn.pdbx_dist_value 
_struct_conn.pdbx_value_order 
_struct_conn.pdbx_role 
covale1  covale none ? A DA 5 N6 ? ? ? 1_555 C BAP . "C4'" ? ? A DA 5 A BAP 10 1_555 ? ? ? ? ? ? ?            1.471 ? ? 
hydrog1  hydrog ?    ? A DG 1 N1 ? ? ? 1_555 B DC  9 N3    ? ? A DG 1 B DC  18 1_555 ? ? ? ? ? ? WATSON-CRICK ?     ? ? 
hydrog2  hydrog ?    ? A DG 1 N2 ? ? ? 1_555 B DC  9 O2    ? ? A DG 1 B DC  18 1_555 ? ? ? ? ? ? WATSON-CRICK ?     ? ? 
hydrog3  hydrog ?    ? A DG 1 O6 ? ? ? 1_555 B DC  9 N4    ? ? A DG 1 B DC  18 1_555 ? ? ? ? ? ? WATSON-CRICK ?     ? ? 
hydrog4  hydrog ?    ? A DG 2 N1 ? ? ? 1_555 B DC  8 N3    ? ? A DG 2 B DC  17 1_555 ? ? ? ? ? ? WATSON-CRICK ?     ? ? 
hydrog5  hydrog ?    ? A DG 2 N2 ? ? ? 1_555 B DC  8 O2    ? ? A DG 2 B DC  17 1_555 ? ? ? ? ? ? WATSON-CRICK ?     ? ? 
hydrog6  hydrog ?    ? A DG 2 O6 ? ? ? 1_555 B DC  8 N4    ? ? A DG 2 B DC  17 1_555 ? ? ? ? ? ? WATSON-CRICK ?     ? ? 
hydrog7  hydrog ?    ? A DT 3 N3 ? ? ? 1_555 B DA  7 N1    ? ? A DT 3 B DA  16 1_555 ? ? ? ? ? ? WATSON-CRICK ?     ? ? 
hydrog8  hydrog ?    ? A DT 3 O4 ? ? ? 1_555 B DA  7 N6    ? ? A DT 3 B DA  16 1_555 ? ? ? ? ? ? WATSON-CRICK ?     ? ? 
hydrog9  hydrog ?    ? A DC 4 N3 ? ? ? 1_555 B DG  6 N1    ? ? A DC 4 B DG  15 1_555 ? ? ? ? ? ? WATSON-CRICK ?     ? ? 
hydrog10 hydrog ?    ? A DC 4 N4 ? ? ? 1_555 B DG  6 O6    ? ? A DC 4 B DG  15 1_555 ? ? ? ? ? ? WATSON-CRICK ?     ? ? 
hydrog11 hydrog ?    ? A DC 4 O2 ? ? ? 1_555 B DG  6 N2    ? ? A DC 4 B DG  15 1_555 ? ? ? ? ? ? WATSON-CRICK ?     ? ? 
hydrog12 hydrog ?    ? A DA 5 N1 ? ? ? 1_555 B DG  5 N1    ? ? A DA 5 B DG  14 1_555 ? ? ? ? ? ? TYPE_8_PAIR  ?     ? ? 
hydrog13 hydrog ?    ? A DA 5 N6 ? ? ? 1_555 B DG  5 O6    ? ? A DA 5 B DG  14 1_555 ? ? ? ? ? ? TYPE_8_PAIR  ?     ? ? 
hydrog14 hydrog ?    ? A DC 6 N3 ? ? ? 1_555 B DG  4 N1    ? ? A DC 6 B DG  13 1_555 ? ? ? ? ? ? WATSON-CRICK ?     ? ? 
hydrog15 hydrog ?    ? A DC 6 N4 ? ? ? 1_555 B DG  4 O6    ? ? A DC 6 B DG  13 1_555 ? ? ? ? ? ? WATSON-CRICK ?     ? ? 
hydrog16 hydrog ?    ? A DC 6 O2 ? ? ? 1_555 B DG  4 N2    ? ? A DC 6 B DG  13 1_555 ? ? ? ? ? ? WATSON-CRICK ?     ? ? 
hydrog17 hydrog ?    ? A DG 7 N1 ? ? ? 1_555 B DC  3 N3    ? ? A DG 7 B DC  12 1_555 ? ? ? ? ? ? WATSON-CRICK ?     ? ? 
hydrog18 hydrog ?    ? A DG 7 N2 ? ? ? 1_555 B DC  3 O2    ? ? A DG 7 B DC  12 1_555 ? ? ? ? ? ? WATSON-CRICK ?     ? ? 
hydrog19 hydrog ?    ? A DG 7 O6 ? ? ? 1_555 B DC  3 N4    ? ? A DG 7 B DC  12 1_555 ? ? ? ? ? ? WATSON-CRICK ?     ? ? 
hydrog20 hydrog ?    ? A DA 8 N1 ? ? ? 1_555 B DT  2 N3    ? ? A DA 8 B DT  11 1_555 ? ? ? ? ? ? WATSON-CRICK ?     ? ? 
hydrog21 hydrog ?    ? A DA 8 N6 ? ? ? 1_555 B DT  2 O4    ? ? A DA 8 B DT  11 1_555 ? ? ? ? ? ? WATSON-CRICK ?     ? ? 
hydrog22 hydrog ?    ? A DG 9 N1 ? ? ? 1_555 B DC  1 N3    ? ? A DG 9 B DC  10 1_555 ? ? ? ? ? ? WATSON-CRICK ?     ? ? 
hydrog23 hydrog ?    ? A DG 9 N2 ? ? ? 1_555 B DC  1 O2    ? ? A DG 9 B DC  10 1_555 ? ? ? ? ? ? WATSON-CRICK ?     ? ? 
hydrog24 hydrog ?    ? A DG 9 O6 ? ? ? 1_555 B DC  1 N4    ? ? A DG 9 B DC  10 1_555 ? ? ? ? ? ? WATSON-CRICK ?     ? ? 
# 
loop_
_struct_conn_type.id 
_struct_conn_type.criteria 
_struct_conn_type.reference 
covale ? ? 
hydrog ? ? 
# 
_struct_site.id                   AC1 
_struct_site.pdbx_evidence_code   Software 
_struct_site.pdbx_auth_asym_id    A 
_struct_site.pdbx_auth_comp_id    BAP 
_struct_site.pdbx_auth_seq_id     10 
_struct_site.pdbx_auth_ins_code   ? 
_struct_site.pdbx_num_residues    5 
_struct_site.details              'BINDING SITE FOR RESIDUE BAP A 10' 
# 
loop_
_struct_site_gen.id 
_struct_site_gen.site_id 
_struct_site_gen.pdbx_num_res 
_struct_site_gen.label_comp_id 
_struct_site_gen.label_asym_id 
_struct_site_gen.label_seq_id 
_struct_site_gen.pdbx_auth_ins_code 
_struct_site_gen.auth_comp_id 
_struct_site_gen.auth_asym_id 
_struct_site_gen.auth_seq_id 
_struct_site_gen.label_atom_id 
_struct_site_gen.label_alt_id 
_struct_site_gen.symmetry 
_struct_site_gen.details 
1 AC1 5 DC A 4 ? DC A 4  . ? 1_555 ? 
2 AC1 5 DA A 5 ? DA A 5  . ? 1_555 ? 
3 AC1 5 DC A 6 ? DC A 6  . ? 1_555 ? 
4 AC1 5 DG B 4 ? DG B 13 . ? 1_555 ? 
5 AC1 5 DG B 5 ? DG B 14 . ? 1_555 ? 
# 
loop_
_pdbx_validate_rmsd_angle.id 
_pdbx_validate_rmsd_angle.PDB_model_num 
_pdbx_validate_rmsd_angle.auth_atom_id_1 
_pdbx_validate_rmsd_angle.auth_asym_id_1 
_pdbx_validate_rmsd_angle.auth_comp_id_1 
_pdbx_validate_rmsd_angle.auth_seq_id_1 
_pdbx_validate_rmsd_angle.PDB_ins_code_1 
_pdbx_validate_rmsd_angle.label_alt_id_1 
_pdbx_validate_rmsd_angle.auth_atom_id_2 
_pdbx_validate_rmsd_angle.auth_asym_id_2 
_pdbx_validate_rmsd_angle.auth_comp_id_2 
_pdbx_validate_rmsd_angle.auth_seq_id_2 
_pdbx_validate_rmsd_angle.PDB_ins_code_2 
_pdbx_validate_rmsd_angle.label_alt_id_2 
_pdbx_validate_rmsd_angle.auth_atom_id_3 
_pdbx_validate_rmsd_angle.auth_asym_id_3 
_pdbx_validate_rmsd_angle.auth_comp_id_3 
_pdbx_validate_rmsd_angle.auth_seq_id_3 
_pdbx_validate_rmsd_angle.PDB_ins_code_3 
_pdbx_validate_rmsd_angle.label_alt_id_3 
_pdbx_validate_rmsd_angle.angle_value 
_pdbx_validate_rmsd_angle.angle_target_value 
_pdbx_validate_rmsd_angle.angle_deviation 
_pdbx_validate_rmsd_angle.angle_standard_deviation 
_pdbx_validate_rmsd_angle.linker_flag 
1  1 "O4'" A DG 1  ? ? "C1'" A DG 1  ? ? N9 A DG 1  ? ? 111.07 108.30 2.77  0.30 N 
2  1 C6    A DT 3  ? ? C5    A DT 3  ? ? C7 A DT 3  ? ? 119.21 122.90 -3.69 0.60 N 
3  1 "O4'" A DC 4  ? ? "C1'" A DC 4  ? ? N1 A DC 4  ? ? 112.91 108.30 4.61  0.30 N 
4  1 "O4'" A DA 5  ? ? "C1'" A DA 5  ? ? N9 A DA 5  ? ? 113.61 108.30 5.31  0.30 N 
5  1 "O4'" A DC 6  ? ? "C1'" A DC 6  ? ? N1 A DC 6  ? ? 110.51 108.30 2.21  0.30 N 
6  1 "O4'" A DG 7  ? ? "C1'" A DG 7  ? ? N9 A DG 7  ? ? 111.64 108.30 3.34  0.30 N 
7  1 "O4'" A DG 9  ? ? "C1'" A DG 9  ? ? N9 A DG 9  ? ? 113.42 108.30 5.12  0.30 N 
8  1 "O4'" B DT 11 ? ? "C1'" B DT 11 ? ? N1 B DT 11 ? ? 112.64 108.30 4.34  0.30 N 
9  1 C6    B DT 11 ? ? C5    B DT 11 ? ? C7 B DT 11 ? ? 118.15 122.90 -4.75 0.60 N 
10 1 "O4'" B DG 13 ? ? "C1'" B DG 13 ? ? N9 B DG 13 ? ? 114.79 108.30 6.49  0.30 N 
11 1 "O4'" B DG 14 ? ? "C1'" B DG 14 ? ? N9 B DG 14 ? ? 111.42 108.30 3.12  0.30 N 
12 1 "O4'" B DC 18 ? ? "C1'" B DC 18 ? ? N1 B DC 18 ? ? 111.67 108.30 3.37  0.30 N 
# 
loop_
_pdbx_validate_planes.id 
_pdbx_validate_planes.PDB_model_num 
_pdbx_validate_planes.auth_comp_id 
_pdbx_validate_planes.auth_asym_id 
_pdbx_validate_planes.auth_seq_id 
_pdbx_validate_planes.PDB_ins_code 
_pdbx_validate_planes.label_alt_id 
_pdbx_validate_planes.rmsd 
_pdbx_validate_planes.type 
1 1 DC A 4  ? ? 0.158 'SIDE CHAIN' 
2 1 DA A 5  ? ? 0.081 'SIDE CHAIN' 
3 1 DG B 13 ? ? 0.116 'SIDE CHAIN' 
4 1 DA B 16 ? ? 0.056 'SIDE CHAIN' 
# 
_pdbx_nmr_ensemble.entry_id                                      1BPS 
_pdbx_nmr_ensemble.conformers_calculated_total_number            1 
_pdbx_nmr_ensemble.conformers_submitted_total_number             1 
_pdbx_nmr_ensemble.conformer_selection_criteria                  ? 
_pdbx_nmr_ensemble.average_constraints_per_residue               ? 
_pdbx_nmr_ensemble.average_constraint_violations_per_residue     ? 
_pdbx_nmr_ensemble.maximum_distance_constraint_violation         ? 
_pdbx_nmr_ensemble.average_distance_constraint_violation         ? 
_pdbx_nmr_ensemble.maximum_upper_distance_constraint_violation   ? 
_pdbx_nmr_ensemble.maximum_lower_distance_constraint_violation   ? 
_pdbx_nmr_ensemble.distance_constraint_violation_method          ? 
_pdbx_nmr_ensemble.maximum_torsion_angle_constraint_violation    ? 
_pdbx_nmr_ensemble.average_torsion_angle_constraint_violation    ? 
_pdbx_nmr_ensemble.torsion_angle_constraint_violation_method     ? 
# 
_pdbx_nmr_representative.conformer_id         1 
_pdbx_nmr_representative.entry_id             1BPS 
_pdbx_nmr_representative.selection_criteria   'minimized average structure' 
# 
_pdbx_nmr_exptl_sample_conditions.conditions_id          1 
_pdbx_nmr_exptl_sample_conditions.temperature            288 
_pdbx_nmr_exptl_sample_conditions.pressure               1 
_pdbx_nmr_exptl_sample_conditions.pH                     6.8 
_pdbx_nmr_exptl_sample_conditions.ionic_strength         '76 mM' 
_pdbx_nmr_exptl_sample_conditions.pressure_units         atm 
_pdbx_nmr_exptl_sample_conditions.temperature_units      K 
_pdbx_nmr_exptl_sample_conditions.label                  ? 
_pdbx_nmr_exptl_sample_conditions.pH_units               ? 
_pdbx_nmr_exptl_sample_conditions.ionic_strength_units   ? 
# 
loop_
_pdbx_nmr_exptl.experiment_id 
_pdbx_nmr_exptl.conditions_id 
_pdbx_nmr_exptl.type 
_pdbx_nmr_exptl.solution_id 
1 1 NOESY                      1 
2 1 ROESY                      1 
3 1 TOCSY                      1 
4 1 '2D EXCHANGE-ONLY SPECTRA' 1 
# 
_pdbx_nmr_details.entry_id   1BPS 
_pdbx_nmr_details.text       
;MINIMIZED AVERAGE STRUCTURE. THE STRUCTURE WAS DETERMINED USING DISTANCE RESTRAINTS DERIVED FROM 2D NOESY EXPERIMENTS DONE IN 99.999% D2O AND 90% H2O/ 10% D2O. 2D ROESY, TOCSY, AND EXCHANGE-ONLY EXPERIMENTS WERE USED IN THE CHEMICAL SHIFT ASSIGNMENT PROCESS.
;
# 
_pdbx_nmr_refine.entry_id           1BPS 
_pdbx_nmr_refine.method             
'RELAXATION MATRIX REFINEMENT OF NOE DISTANCE RESTRAINTS AND RESTRAINED MOLECULAR DYNAMICS WITH SIMULATED ANNEALING' 
_pdbx_nmr_refine.details            
;THE FOLLOWING RESTRAINTS WERE APPLIED IN THE MOLECULAR
 DYNAMICS/ENERGY MINIMIZATION CALCULATIONS: (1)
 INTER-PROTON DISTANCE RESTRAINTS DIRECTLY DERIVED FROM
 RELAXATION MATRIX ANALYSIS OF NOE DATA; (2) IMINO PROTON
 HYDROGEN BOND RESTRAINTS FOR ALL BASE PAIRS EXCEPT THE
 CENTRAL DA-DG MISMATCH PAIR. THE MODIFIED DA RESIDUE OF
 THIS MINOR CONFORMER DISPLAYED A C2'-ENDO SUGAR PUCKER AND
 AN ANTI GLYCOSIDIC BOND. IT FORMED AN ANTI:ANTI BASE PAIR
CONTAINING TWO HYDROGEN BONDS WITH THE OPPOSITE DG. THE
 MODIFIED DA RESIDUE OF THE MAJOR CONFORMER OF THIS
 MOLECULE [YEH ET AL. (1995) BIOCHEMISTRY 34, 13570-13581]
DISPLAYED C3'-ENDO SUGAR PUCKER AND A SYN GLYCOSIDIC BOND.
THE MAJOR CONFORMER MODIFIED DA RESIDUE FORMED A SYN:ANTI
 BASE PAIR CONTAINING NON-WATSON CRICK HYDROGEN BONDS WITH
THE OPPOSITE DG.
MORE REFINEMENT DETAILS CAN BE FOUND IN THE PRIMARY JOURNAL CITATION (SCHWARTZ ET AL.,1997).
;
_pdbx_nmr_refine.software_ordinal   1 
# 
loop_
_pdbx_nmr_software.classification 
_pdbx_nmr_software.name 
_pdbx_nmr_software.version 
_pdbx_nmr_software.authors 
_pdbx_nmr_software.ordinal 
refinement              Amber  4.1 'PEARLMAN,CASE,CALDWELL,ROSS,CHEATHAM, FERGUSON,SEIBEL,SINGH,WEINER,KOLLMAN' 1 
'structure calculation' MORASS 2.2 Luxon                                                                        2 
'structure calculation' Amber  4.1 'PEARLMAN,CASE,CALDWELL,ROSS,CHEATHAM, FERGUSON,SEIBEL,SINGH,WEINER,KOLLMAN' 3 
# 
loop_
_chem_comp_atom.comp_id 
_chem_comp_atom.atom_id 
_chem_comp_atom.type_symbol 
_chem_comp_atom.pdbx_aromatic_flag 
_chem_comp_atom.pdbx_stereo_config 
_chem_comp_atom.pdbx_ordinal 
BAP C1     C Y N 1   
BAP C2     C Y N 2   
BAP C3     C Y N 3   
BAP C3A    C Y N 4   
BAP C4     C Y N 5   
BAP C5     C Y N 6   
BAP C5A    C Y N 7   
BAP C6     C Y N 8   
BAP C7     C Y N 9   
BAP C8     C Y N 10  
BAP C8A    C Y N 11  
BAP C9     C Y N 12  
BAP C10    C Y N 13  
BAP C1A    C Y N 14  
BAP C3B    C Y N 15  
BAP C5B    C Y N 16  
BAP "C1'"  C N R 17  
BAP "O1'"  O N N 18  
BAP "C2'"  C N R 19  
BAP "O2'"  O N N 20  
BAP "C3'"  C N R 21  
BAP "O3'"  O N N 22  
BAP "C4'"  C N N 23  
BAP H1     H N N 24  
BAP H2     H N N 25  
BAP H3     H N N 26  
BAP H4     H N N 27  
BAP H5     H N N 28  
BAP H8     H N N 29  
BAP H9     H N N 30  
BAP H10    H N N 31  
BAP "H1'"  H N N 32  
BAP HO1    H N N 33  
BAP "H2'"  H N N 34  
BAP HO2    H N N 35  
BAP "H3'"  H N N 36  
BAP HO3    H N N 37  
BAP "H4'1" H N N 38  
BAP "H4'2" H N N 39  
DA  OP3    O N N 40  
DA  P      P N N 41  
DA  OP1    O N N 42  
DA  OP2    O N N 43  
DA  "O5'"  O N N 44  
DA  "C5'"  C N N 45  
DA  "C4'"  C N R 46  
DA  "O4'"  O N N 47  
DA  "C3'"  C N S 48  
DA  "O3'"  O N N 49  
DA  "C2'"  C N N 50  
DA  "C1'"  C N R 51  
DA  N9     N Y N 52  
DA  C8     C Y N 53  
DA  N7     N Y N 54  
DA  C5     C Y N 55  
DA  C6     C Y N 56  
DA  N6     N N N 57  
DA  N1     N Y N 58  
DA  C2     C Y N 59  
DA  N3     N Y N 60  
DA  C4     C Y N 61  
DA  HOP3   H N N 62  
DA  HOP2   H N N 63  
DA  "H5'"  H N N 64  
DA  "H5''" H N N 65  
DA  "H4'"  H N N 66  
DA  "H3'"  H N N 67  
DA  "HO3'" H N N 68  
DA  "H2'"  H N N 69  
DA  "H2''" H N N 70  
DA  "H1'"  H N N 71  
DA  H8     H N N 72  
DA  H61    H N N 73  
DA  H62    H N N 74  
DA  H2     H N N 75  
DC  OP3    O N N 76  
DC  P      P N N 77  
DC  OP1    O N N 78  
DC  OP2    O N N 79  
DC  "O5'"  O N N 80  
DC  "C5'"  C N N 81  
DC  "C4'"  C N R 82  
DC  "O4'"  O N N 83  
DC  "C3'"  C N S 84  
DC  "O3'"  O N N 85  
DC  "C2'"  C N N 86  
DC  "C1'"  C N R 87  
DC  N1     N N N 88  
DC  C2     C N N 89  
DC  O2     O N N 90  
DC  N3     N N N 91  
DC  C4     C N N 92  
DC  N4     N N N 93  
DC  C5     C N N 94  
DC  C6     C N N 95  
DC  HOP3   H N N 96  
DC  HOP2   H N N 97  
DC  "H5'"  H N N 98  
DC  "H5''" H N N 99  
DC  "H4'"  H N N 100 
DC  "H3'"  H N N 101 
DC  "HO3'" H N N 102 
DC  "H2'"  H N N 103 
DC  "H2''" H N N 104 
DC  "H1'"  H N N 105 
DC  H41    H N N 106 
DC  H42    H N N 107 
DC  H5     H N N 108 
DC  H6     H N N 109 
DG  OP3    O N N 110 
DG  P      P N N 111 
DG  OP1    O N N 112 
DG  OP2    O N N 113 
DG  "O5'"  O N N 114 
DG  "C5'"  C N N 115 
DG  "C4'"  C N R 116 
DG  "O4'"  O N N 117 
DG  "C3'"  C N S 118 
DG  "O3'"  O N N 119 
DG  "C2'"  C N N 120 
DG  "C1'"  C N R 121 
DG  N9     N Y N 122 
DG  C8     C Y N 123 
DG  N7     N Y N 124 
DG  C5     C Y N 125 
DG  C6     C N N 126 
DG  O6     O N N 127 
DG  N1     N N N 128 
DG  C2     C N N 129 
DG  N2     N N N 130 
DG  N3     N N N 131 
DG  C4     C Y N 132 
DG  HOP3   H N N 133 
DG  HOP2   H N N 134 
DG  "H5'"  H N N 135 
DG  "H5''" H N N 136 
DG  "H4'"  H N N 137 
DG  "H3'"  H N N 138 
DG  "HO3'" H N N 139 
DG  "H2'"  H N N 140 
DG  "H2''" H N N 141 
DG  "H1'"  H N N 142 
DG  H8     H N N 143 
DG  H1     H N N 144 
DG  H21    H N N 145 
DG  H22    H N N 146 
DT  OP3    O N N 147 
DT  P      P N N 148 
DT  OP1    O N N 149 
DT  OP2    O N N 150 
DT  "O5'"  O N N 151 
DT  "C5'"  C N N 152 
DT  "C4'"  C N R 153 
DT  "O4'"  O N N 154 
DT  "C3'"  C N S 155 
DT  "O3'"  O N N 156 
DT  "C2'"  C N N 157 
DT  "C1'"  C N R 158 
DT  N1     N N N 159 
DT  C2     C N N 160 
DT  O2     O N N 161 
DT  N3     N N N 162 
DT  C4     C N N 163 
DT  O4     O N N 164 
DT  C5     C N N 165 
DT  C7     C N N 166 
DT  C6     C N N 167 
DT  HOP3   H N N 168 
DT  HOP2   H N N 169 
DT  "H5'"  H N N 170 
DT  "H5''" H N N 171 
DT  "H4'"  H N N 172 
DT  "H3'"  H N N 173 
DT  "HO3'" H N N 174 
DT  "H2'"  H N N 175 
DT  "H2''" H N N 176 
DT  "H1'"  H N N 177 
DT  H3     H N N 178 
DT  H71    H N N 179 
DT  H72    H N N 180 
DT  H73    H N N 181 
DT  H6     H N N 182 
# 
loop_
_chem_comp_bond.comp_id 
_chem_comp_bond.atom_id_1 
_chem_comp_bond.atom_id_2 
_chem_comp_bond.value_order 
_chem_comp_bond.pdbx_aromatic_flag 
_chem_comp_bond.pdbx_stereo_config 
_chem_comp_bond.pdbx_ordinal 
BAP C1    C2     doub Y N 1   
BAP C1    C1A    sing Y N 2   
BAP C1    H1     sing N N 3   
BAP C2    C3     sing Y N 4   
BAP C2    H2     sing N N 5   
BAP C3    C3A    doub Y N 6   
BAP C3    H3     sing N N 7   
BAP C3A   C4     sing Y N 8   
BAP C3A   C3B    sing Y N 9   
BAP C4    C5     doub Y N 10  
BAP C4    H4     sing N N 11  
BAP C5    C5A    sing Y N 12  
BAP C5    H5     sing N N 13  
BAP C5A   C6     doub Y N 14  
BAP C5A   C5B    sing Y N 15  
BAP C6    C7     sing Y N 16  
BAP C6    "C4'"  sing N N 17  
BAP C7    C8     doub Y N 18  
BAP C7    "C1'"  sing N N 19  
BAP C8    C8A    sing Y N 20  
BAP C8    H8     sing N N 21  
BAP C8A   C9     doub Y N 22  
BAP C8A   C5B    sing Y N 23  
BAP C9    C10    sing Y N 24  
BAP C9    H9     sing N N 25  
BAP C10   C1A    doub Y N 26  
BAP C10   H10    sing N N 27  
BAP C1A   C3B    sing Y N 28  
BAP C3B   C5B    doub Y N 29  
BAP "C1'" "O1'"  sing N N 30  
BAP "C1'" "C2'"  sing N N 31  
BAP "C1'" "H1'"  sing N N 32  
BAP "O1'" HO1    sing N N 33  
BAP "C2'" "O2'"  sing N N 34  
BAP "C2'" "C3'"  sing N N 35  
BAP "C2'" "H2'"  sing N N 36  
BAP "O2'" HO2    sing N N 37  
BAP "C3'" "O3'"  sing N N 38  
BAP "C3'" "C4'"  sing N N 39  
BAP "C3'" "H3'"  sing N N 40  
BAP "O3'" HO3    sing N N 41  
BAP "C4'" "H4'1" sing N N 42  
BAP "C4'" "H4'2" sing N N 43  
DA  OP3   P      sing N N 44  
DA  OP3   HOP3   sing N N 45  
DA  P     OP1    doub N N 46  
DA  P     OP2    sing N N 47  
DA  P     "O5'"  sing N N 48  
DA  OP2   HOP2   sing N N 49  
DA  "O5'" "C5'"  sing N N 50  
DA  "C5'" "C4'"  sing N N 51  
DA  "C5'" "H5'"  sing N N 52  
DA  "C5'" "H5''" sing N N 53  
DA  "C4'" "O4'"  sing N N 54  
DA  "C4'" "C3'"  sing N N 55  
DA  "C4'" "H4'"  sing N N 56  
DA  "O4'" "C1'"  sing N N 57  
DA  "C3'" "O3'"  sing N N 58  
DA  "C3'" "C2'"  sing N N 59  
DA  "C3'" "H3'"  sing N N 60  
DA  "O3'" "HO3'" sing N N 61  
DA  "C2'" "C1'"  sing N N 62  
DA  "C2'" "H2'"  sing N N 63  
DA  "C2'" "H2''" sing N N 64  
DA  "C1'" N9     sing N N 65  
DA  "C1'" "H1'"  sing N N 66  
DA  N9    C8     sing Y N 67  
DA  N9    C4     sing Y N 68  
DA  C8    N7     doub Y N 69  
DA  C8    H8     sing N N 70  
DA  N7    C5     sing Y N 71  
DA  C5    C6     sing Y N 72  
DA  C5    C4     doub Y N 73  
DA  C6    N6     sing N N 74  
DA  C6    N1     doub Y N 75  
DA  N6    H61    sing N N 76  
DA  N6    H62    sing N N 77  
DA  N1    C2     sing Y N 78  
DA  C2    N3     doub Y N 79  
DA  C2    H2     sing N N 80  
DA  N3    C4     sing Y N 81  
DC  OP3   P      sing N N 82  
DC  OP3   HOP3   sing N N 83  
DC  P     OP1    doub N N 84  
DC  P     OP2    sing N N 85  
DC  P     "O5'"  sing N N 86  
DC  OP2   HOP2   sing N N 87  
DC  "O5'" "C5'"  sing N N 88  
DC  "C5'" "C4'"  sing N N 89  
DC  "C5'" "H5'"  sing N N 90  
DC  "C5'" "H5''" sing N N 91  
DC  "C4'" "O4'"  sing N N 92  
DC  "C4'" "C3'"  sing N N 93  
DC  "C4'" "H4'"  sing N N 94  
DC  "O4'" "C1'"  sing N N 95  
DC  "C3'" "O3'"  sing N N 96  
DC  "C3'" "C2'"  sing N N 97  
DC  "C3'" "H3'"  sing N N 98  
DC  "O3'" "HO3'" sing N N 99  
DC  "C2'" "C1'"  sing N N 100 
DC  "C2'" "H2'"  sing N N 101 
DC  "C2'" "H2''" sing N N 102 
DC  "C1'" N1     sing N N 103 
DC  "C1'" "H1'"  sing N N 104 
DC  N1    C2     sing N N 105 
DC  N1    C6     sing N N 106 
DC  C2    O2     doub N N 107 
DC  C2    N3     sing N N 108 
DC  N3    C4     doub N N 109 
DC  C4    N4     sing N N 110 
DC  C4    C5     sing N N 111 
DC  N4    H41    sing N N 112 
DC  N4    H42    sing N N 113 
DC  C5    C6     doub N N 114 
DC  C5    H5     sing N N 115 
DC  C6    H6     sing N N 116 
DG  OP3   P      sing N N 117 
DG  OP3   HOP3   sing N N 118 
DG  P     OP1    doub N N 119 
DG  P     OP2    sing N N 120 
DG  P     "O5'"  sing N N 121 
DG  OP2   HOP2   sing N N 122 
DG  "O5'" "C5'"  sing N N 123 
DG  "C5'" "C4'"  sing N N 124 
DG  "C5'" "H5'"  sing N N 125 
DG  "C5'" "H5''" sing N N 126 
DG  "C4'" "O4'"  sing N N 127 
DG  "C4'" "C3'"  sing N N 128 
DG  "C4'" "H4'"  sing N N 129 
DG  "O4'" "C1'"  sing N N 130 
DG  "C3'" "O3'"  sing N N 131 
DG  "C3'" "C2'"  sing N N 132 
DG  "C3'" "H3'"  sing N N 133 
DG  "O3'" "HO3'" sing N N 134 
DG  "C2'" "C1'"  sing N N 135 
DG  "C2'" "H2'"  sing N N 136 
DG  "C2'" "H2''" sing N N 137 
DG  "C1'" N9     sing N N 138 
DG  "C1'" "H1'"  sing N N 139 
DG  N9    C8     sing Y N 140 
DG  N9    C4     sing Y N 141 
DG  C8    N7     doub Y N 142 
DG  C8    H8     sing N N 143 
DG  N7    C5     sing Y N 144 
DG  C5    C6     sing N N 145 
DG  C5    C4     doub Y N 146 
DG  C6    O6     doub N N 147 
DG  C6    N1     sing N N 148 
DG  N1    C2     sing N N 149 
DG  N1    H1     sing N N 150 
DG  C2    N2     sing N N 151 
DG  C2    N3     doub N N 152 
DG  N2    H21    sing N N 153 
DG  N2    H22    sing N N 154 
DG  N3    C4     sing N N 155 
DT  OP3   P      sing N N 156 
DT  OP3   HOP3   sing N N 157 
DT  P     OP1    doub N N 158 
DT  P     OP2    sing N N 159 
DT  P     "O5'"  sing N N 160 
DT  OP2   HOP2   sing N N 161 
DT  "O5'" "C5'"  sing N N 162 
DT  "C5'" "C4'"  sing N N 163 
DT  "C5'" "H5'"  sing N N 164 
DT  "C5'" "H5''" sing N N 165 
DT  "C4'" "O4'"  sing N N 166 
DT  "C4'" "C3'"  sing N N 167 
DT  "C4'" "H4'"  sing N N 168 
DT  "O4'" "C1'"  sing N N 169 
DT  "C3'" "O3'"  sing N N 170 
DT  "C3'" "C2'"  sing N N 171 
DT  "C3'" "H3'"  sing N N 172 
DT  "O3'" "HO3'" sing N N 173 
DT  "C2'" "C1'"  sing N N 174 
DT  "C2'" "H2'"  sing N N 175 
DT  "C2'" "H2''" sing N N 176 
DT  "C1'" N1     sing N N 177 
DT  "C1'" "H1'"  sing N N 178 
DT  N1    C2     sing N N 179 
DT  N1    C6     sing N N 180 
DT  C2    O2     doub N N 181 
DT  C2    N3     sing N N 182 
DT  N3    C4     sing N N 183 
DT  N3    H3     sing N N 184 
DT  C4    O4     doub N N 185 
DT  C4    C5     sing N N 186 
DT  C5    C7     sing N N 187 
DT  C5    C6     doub N N 188 
DT  C7    H71    sing N N 189 
DT  C7    H72    sing N N 190 
DT  C7    H73    sing N N 191 
DT  C6    H6     sing N N 192 
# 
loop_
_ndb_struct_conf_na.entry_id 
_ndb_struct_conf_na.feature 
1BPS 'double helix'         
1BPS 'b-form double helix'  
1BPS 'mismatched base pair' 
# 
loop_
_ndb_struct_na_base_pair.model_number 
_ndb_struct_na_base_pair.i_label_asym_id 
_ndb_struct_na_base_pair.i_label_comp_id 
_ndb_struct_na_base_pair.i_label_seq_id 
_ndb_struct_na_base_pair.i_symmetry 
_ndb_struct_na_base_pair.j_label_asym_id 
_ndb_struct_na_base_pair.j_label_comp_id 
_ndb_struct_na_base_pair.j_label_seq_id 
_ndb_struct_na_base_pair.j_symmetry 
_ndb_struct_na_base_pair.shear 
_ndb_struct_na_base_pair.stretch 
_ndb_struct_na_base_pair.stagger 
_ndb_struct_na_base_pair.buckle 
_ndb_struct_na_base_pair.propeller 
_ndb_struct_na_base_pair.opening 
_ndb_struct_na_base_pair.pair_number 
_ndb_struct_na_base_pair.pair_name 
_ndb_struct_na_base_pair.i_auth_asym_id 
_ndb_struct_na_base_pair.i_auth_seq_id 
_ndb_struct_na_base_pair.i_PDB_ins_code 
_ndb_struct_na_base_pair.j_auth_asym_id 
_ndb_struct_na_base_pair.j_auth_seq_id 
_ndb_struct_na_base_pair.j_PDB_ins_code 
_ndb_struct_na_base_pair.hbond_type_28 
_ndb_struct_na_base_pair.hbond_type_12 
1 A DG 1 1_555 B DC 9 1_555 -0.442 -0.225 0.677  21.053  -4.302  -2.207  1 A_DG1:DC18_B A 1 ? B 18 ? 19 1 
1 A DG 2 1_555 B DC 8 1_555 -0.278 -0.190 0.379  12.522  -9.688  -2.417  2 A_DG2:DC17_B A 2 ? B 17 ? 19 1 
1 A DT 3 1_555 B DA 7 1_555 0.032  -0.149 -0.120 7.231   -14.102 -0.227  3 A_DT3:DA16_B A 3 ? B 16 ? 20 1 
1 A DC 4 1_555 B DG 6 1_555 0.331  -0.233 0.169  13.305  -4.547  -3.258  4 A_DC4:DG15_B A 4 ? B 15 ? 19 1 
1 A DA 5 1_555 B DG 5 1_555 0.336  1.432  -0.307 35.278  -32.586 -13.897 5 A_DA5:DG14_B A 5 ? B 14 ? 8  ? 
1 A DC 6 1_555 B DG 4 1_555 -0.053 -0.156 0.228  -10.748 -2.674  -3.106  6 A_DC6:DG13_B A 6 ? B 13 ? 19 1 
1 A DG 7 1_555 B DC 3 1_555 -0.210 -0.177 -0.171 2.358   -1.708  -1.325  7 A_DG7:DC12_B A 7 ? B 12 ? 19 1 
1 A DA 8 1_555 B DT 2 1_555 0.147  -0.107 -0.471 -13.575 2.197   -0.967  8 A_DA8:DT11_B A 8 ? B 11 ? 20 1 
1 A DG 9 1_555 B DC 1 1_555 -0.435 -0.223 -0.115 4.786   6.276   -1.189  9 A_DG9:DC10_B A 9 ? B 10 ? 19 1 
# 
loop_
_ndb_struct_na_base_pair_step.model_number 
_ndb_struct_na_base_pair_step.i_label_asym_id_1 
_ndb_struct_na_base_pair_step.i_label_comp_id_1 
_ndb_struct_na_base_pair_step.i_label_seq_id_1 
_ndb_struct_na_base_pair_step.i_symmetry_1 
_ndb_struct_na_base_pair_step.j_label_asym_id_1 
_ndb_struct_na_base_pair_step.j_label_comp_id_1 
_ndb_struct_na_base_pair_step.j_label_seq_id_1 
_ndb_struct_na_base_pair_step.j_symmetry_1 
_ndb_struct_na_base_pair_step.i_label_asym_id_2 
_ndb_struct_na_base_pair_step.i_label_comp_id_2 
_ndb_struct_na_base_pair_step.i_label_seq_id_2 
_ndb_struct_na_base_pair_step.i_symmetry_2 
_ndb_struct_na_base_pair_step.j_label_asym_id_2 
_ndb_struct_na_base_pair_step.j_label_comp_id_2 
_ndb_struct_na_base_pair_step.j_label_seq_id_2 
_ndb_struct_na_base_pair_step.j_symmetry_2 
_ndb_struct_na_base_pair_step.shift 
_ndb_struct_na_base_pair_step.slide 
_ndb_struct_na_base_pair_step.rise 
_ndb_struct_na_base_pair_step.tilt 
_ndb_struct_na_base_pair_step.roll 
_ndb_struct_na_base_pair_step.twist 
_ndb_struct_na_base_pair_step.x_displacement 
_ndb_struct_na_base_pair_step.y_displacement 
_ndb_struct_na_base_pair_step.helical_rise 
_ndb_struct_na_base_pair_step.inclination 
_ndb_struct_na_base_pair_step.tip 
_ndb_struct_na_base_pair_step.helical_twist 
_ndb_struct_na_base_pair_step.step_number 
_ndb_struct_na_base_pair_step.step_name 
_ndb_struct_na_base_pair_step.i_auth_asym_id_1 
_ndb_struct_na_base_pair_step.i_auth_seq_id_1 
_ndb_struct_na_base_pair_step.i_PDB_ins_code_1 
_ndb_struct_na_base_pair_step.j_auth_asym_id_1 
_ndb_struct_na_base_pair_step.j_auth_seq_id_1 
_ndb_struct_na_base_pair_step.j_PDB_ins_code_1 
_ndb_struct_na_base_pair_step.i_auth_asym_id_2 
_ndb_struct_na_base_pair_step.i_auth_seq_id_2 
_ndb_struct_na_base_pair_step.i_PDB_ins_code_2 
_ndb_struct_na_base_pair_step.j_auth_asym_id_2 
_ndb_struct_na_base_pair_step.j_auth_seq_id_2 
_ndb_struct_na_base_pair_step.j_PDB_ins_code_2 
1 A DG 1 1_555 B DC 9 1_555 A DG 2 1_555 B DC 8 1_555 -1.233 -0.669 3.313 -2.167  3.845  38.461 -1.487 1.590  3.295 5.814  3.276   
38.704 1 AA_DG1DG2:DC17DC18_BB A 1 ? B 18 ? A 2 ? B 17 ? 
1 A DG 2 1_555 B DC 8 1_555 A DT 3 1_555 B DA 7 1_555 0.109  -0.494 3.265 4.106   3.857  35.886 -1.327 0.394  3.189 6.213  -6.613  
36.311 2 AA_DG2DT3:DA16DC17_BB A 2 ? B 17 ? A 3 ? B 16 ? 
1 A DT 3 1_555 B DA 7 1_555 A DC 4 1_555 B DG 6 1_555 0.696  -0.186 3.180 -3.237  4.762  32.345 -1.111 -1.763 3.040 8.465  5.754   
32.840 3 AA_DT3DC4:DG15DA16_BB A 3 ? B 16 ? A 4 ? B 15 ? 
1 A DC 4 1_555 B DG 6 1_555 A DA 5 1_555 B DG 5 1_555 -1.104 1.084  2.943 9.751   3.793  39.212 1.194  2.548  2.694 5.533  -14.223 
40.530 4 AA_DC4DA5:DG14DG15_BB A 4 ? B 15 ? A 5 ? B 14 ? 
1 A DA 5 1_555 B DG 5 1_555 A DC 6 1_555 B DG 4 1_555 0.803  -0.911 6.505 -15.307 31.063 32.060 -6.021 -3.413 3.675 43.475 21.423  
46.855 5 AA_DA5DC6:DG13DG14_BB A 5 ? B 14 ? A 6 ? B 13 ? 
1 A DC 6 1_555 B DG 4 1_555 A DG 7 1_555 B DC 3 1_555 -0.468 -0.959 2.761 1.790   18.689 23.364 -4.745 1.184  1.549 39.052 -3.741  
29.891 6 AA_DC6DG7:DC12DG13_BB A 6 ? B 13 ? A 7 ? B 12 ? 
1 A DG 7 1_555 B DC 3 1_555 A DA 8 1_555 B DT 2 1_555 -0.019 -0.254 3.697 -0.733  21.228 37.883 -2.676 -0.055 3.137 29.996 1.036   
43.240 7 AA_DG7DA8:DT11DC12_BB A 7 ? B 12 ? A 8 ? B 11 ? 
1 A DA 8 1_555 B DT 2 1_555 A DG 9 1_555 B DC 1 1_555 0.115  -1.032 2.795 -1.440  4.585  21.602 -4.122 -0.750 2.511 12.042 3.782   
22.124 8 AA_DA8DG9:DC10DT11_BB A 8 ? B 11 ? A 9 ? B 10 ? 
# 
loop_
_pdbx_nmr_spectrometer.spectrometer_id 
_pdbx_nmr_spectrometer.model 
_pdbx_nmr_spectrometer.manufacturer 
_pdbx_nmr_spectrometer.field_strength 
_pdbx_nmr_spectrometer.type 
1 UNITYPLUS Varian 750 ? 
2 UNITYPLUS Varian 600 ? 
# 
_atom_sites.entry_id                    1BPS 
_atom_sites.fract_transf_matrix[1][1]   1.000000 
_atom_sites.fract_transf_matrix[1][2]   0.000000 
_atom_sites.fract_transf_matrix[1][3]   0.000000 
_atom_sites.fract_transf_matrix[2][1]   0.000000 
_atom_sites.fract_transf_matrix[2][2]   1.000000 
_atom_sites.fract_transf_matrix[2][3]   0.000000 
_atom_sites.fract_transf_matrix[3][1]   0.000000 
_atom_sites.fract_transf_matrix[3][2]   0.000000 
_atom_sites.fract_transf_matrix[3][3]   1.000000 
_atom_sites.fract_transf_vector[1]      0.00000 
_atom_sites.fract_transf_vector[2]      0.00000 
_atom_sites.fract_transf_vector[3]      0.00000 
# 
loop_
_atom_type.symbol 
C 
H 
N 
O 
P 
# 
loop_
_atom_site.group_PDB 
_atom_site.id 
_atom_site.type_symbol 
_atom_site.label_atom_id 
_atom_site.label_alt_id 
_atom_site.label_comp_id 
_atom_site.label_asym_id 
_atom_site.label_entity_id 
_atom_site.label_seq_id 
_atom_site.pdbx_PDB_ins_code 
_atom_site.Cartn_x 
_atom_site.Cartn_y 
_atom_site.Cartn_z 
_atom_site.occupancy 
_atom_site.B_iso_or_equiv 
_atom_site.pdbx_formal_charge 
_atom_site.auth_seq_id 
_atom_site.auth_comp_id 
_atom_site.auth_asym_id 
_atom_site.auth_atom_id 
_atom_site.pdbx_PDB_model_num 
ATOM   1   O "O5'"  . DG  A 1 1 ? -6.953  12.997  3.951   1.00 0.00 ? 1  DG  A "O5'"  1 
ATOM   2   C "C5'"  . DG  A 1 1 ? -7.325  13.708  2.785   1.00 0.00 ? 1  DG  A "C5'"  1 
ATOM   3   C "C4'"  . DG  A 1 1 ? -6.398  13.376  1.611   1.00 0.00 ? 1  DG  A "C4'"  1 
ATOM   4   O "O4'"  . DG  A 1 1 ? -5.066  13.756  1.923   1.00 0.00 ? 1  DG  A "O4'"  1 
ATOM   5   C "C3'"  . DG  A 1 1 ? -6.387  11.882  1.246   1.00 0.00 ? 1  DG  A "C3'"  1 
ATOM   6   O "O3'"  . DG  A 1 1 ? -6.426  11.775  -0.166  1.00 0.00 ? 1  DG  A "O3'"  1 
ATOM   7   C "C2'"  . DG  A 1 1 ? -5.028  11.450  1.792   1.00 0.00 ? 1  DG  A "C2'"  1 
ATOM   8   C "C1'"  . DG  A 1 1 ? -4.212  12.707  1.510   1.00 0.00 ? 1  DG  A "C1'"  1 
ATOM   9   N N9     . DG  A 1 1 ? -2.924  12.751  2.237   1.00 0.00 ? 1  DG  A N9     1 
ATOM   10  C C8     . DG  A 1 1 ? -2.682  12.539  3.571   1.00 0.00 ? 1  DG  A C8     1 
ATOM   11  N N7     . DG  A 1 1 ? -1.435  12.689  3.923   1.00 0.00 ? 1  DG  A N7     1 
ATOM   12  C C5     . DG  A 1 1 ? -0.792  13.002  2.728   1.00 0.00 ? 1  DG  A C5     1 
ATOM   13  C C6     . DG  A 1 1 ? 0.585   13.256  2.458   1.00 0.00 ? 1  DG  A C6     1 
ATOM   14  O O6     . DG  A 1 1 ? 1.526   13.264  3.249   1.00 0.00 ? 1  DG  A O6     1 
ATOM   15  N N1     . DG  A 1 1 ? 0.832   13.519  1.119   1.00 0.00 ? 1  DG  A N1     1 
ATOM   16  C C2     . DG  A 1 1 ? -0.142  13.575  0.153   1.00 0.00 ? 1  DG  A C2     1 
ATOM   17  N N2     . DG  A 1 1 ? 0.221   13.820  -1.100  1.00 0.00 ? 1  DG  A N2     1 
ATOM   18  N N3     . DG  A 1 1 ? -1.436  13.352  0.393   1.00 0.00 ? 1  DG  A N3     1 
ATOM   19  C C4     . DG  A 1 1 ? -1.697  13.059  1.695   1.00 0.00 ? 1  DG  A C4     1 
ATOM   20  H "H5'"  . DG  A 1 1 ? -7.266  14.780  2.976   1.00 0.00 ? 1  DG  A "H5'"  1 
ATOM   21  H "H5''" . DG  A 1 1 ? -8.351  13.455  2.517   1.00 0.00 ? 1  DG  A "H5''" 1 
ATOM   22  H "H4'"  . DG  A 1 1 ? -6.734  13.953  0.747   1.00 0.00 ? 1  DG  A "H4'"  1 
ATOM   23  H "H3'"  . DG  A 1 1 ? -7.216  11.341  1.707   1.00 0.00 ? 1  DG  A "H3'"  1 
ATOM   24  H "H2'"  . DG  A 1 1 ? -5.120  11.276  2.864   1.00 0.00 ? 1  DG  A "H2'"  1 
ATOM   25  H "H2''" . DG  A 1 1 ? -4.630  10.565  1.298   1.00 0.00 ? 1  DG  A "H2''" 1 
ATOM   26  H "H1'"  . DG  A 1 1 ? -4.044  12.788  0.434   1.00 0.00 ? 1  DG  A "H1'"  1 
ATOM   27  H H8     . DG  A 1 1 ? -3.457  12.275  4.274   1.00 0.00 ? 1  DG  A H8     1 
ATOM   28  H H1     . DG  A 1 1 ? 1.809   13.687  0.882   1.00 0.00 ? 1  DG  A H1     1 
ATOM   29  H H21    . DG  A 1 1 ? 1.192   13.974  -1.346  1.00 0.00 ? 1  DG  A H21    1 
ATOM   30  H H22    . DG  A 1 1 ? -0.496  13.857  -1.806  1.00 0.00 ? 1  DG  A H22    1 
ATOM   31  H "HO5'" . DG  A 1 1 ? -7.646  13.323  5.365   1.00 0.00 ? 1  DG  A "HO5'" 1 
ATOM   32  P P      . DG  A 1 2 ? -6.807  10.403  -0.922  1.00 0.00 ? 2  DG  A P      1 
ATOM   33  O OP1    . DG  A 1 2 ? -8.146  10.562  -1.530  1.00 0.00 ? 2  DG  A OP1    1 
ATOM   34  O OP2    . DG  A 1 2 ? -6.534  9.265   -0.018  1.00 0.00 ? 2  DG  A OP2    1 
ATOM   35  O "O5'"  . DG  A 1 2 ? -5.712  10.368  -2.098  1.00 0.00 ? 2  DG  A "O5'"  1 
ATOM   36  C "C5'"  . DG  A 1 2 ? -5.774  11.269  -3.184  1.00 0.00 ? 2  DG  A "C5'"  1 
ATOM   37  C "C4'"  . DG  A 1 2 ? -4.565  11.093  -4.114  1.00 0.00 ? 2  DG  A "C4'"  1 
ATOM   38  O "O4'"  . DG  A 1 2 ? -3.373  11.431  -3.420  1.00 0.00 ? 2  DG  A "O4'"  1 
ATOM   39  C "C3'"  . DG  A 1 2 ? -4.425  9.655   -4.625  1.00 0.00 ? 2  DG  A "C3'"  1 
ATOM   40  O "O3'"  . DG  A 1 2 ? -3.973  9.685   -5.971  1.00 0.00 ? 2  DG  A "O3'"  1 
ATOM   41  C "C2'"  . DG  A 1 2 ? -3.387  9.087   -3.673  1.00 0.00 ? 2  DG  A "C2'"  1 
ATOM   42  C "C1'"  . DG  A 1 2 ? -2.524  10.299  -3.350  1.00 0.00 ? 2  DG  A "C1'"  1 
ATOM   43  N N9     . DG  A 1 2 ? -1.913  10.215  -2.005  1.00 0.00 ? 2  DG  A N9     1 
ATOM   44  C C8     . DG  A 1 2 ? -2.553  10.054  -0.808  1.00 0.00 ? 2  DG  A C8     1 
ATOM   45  N N7     . DG  A 1 2 ? -1.768  10.062  0.232   1.00 0.00 ? 2  DG  A N7     1 
ATOM   46  C C5     . DG  A 1 2 ? -0.502  10.249  -0.316  1.00 0.00 ? 2  DG  A C5     1 
ATOM   47  C C6     . DG  A 1 2 ? 0.772   10.334  0.317   1.00 0.00 ? 2  DG  A C6     1 
ATOM   48  O O6     . DG  A 1 2 ? 1.022   10.327  1.519   1.00 0.00 ? 2  DG  A O6     1 
ATOM   49  N N1     . DG  A 1 2 ? 1.816   10.448  -0.587  1.00 0.00 ? 2  DG  A N1     1 
ATOM   50  C C2     . DG  A 1 2 ? 1.652   10.510  -1.949  1.00 0.00 ? 2  DG  A C2     1 
ATOM   51  N N2     . DG  A 1 2 ? 2.736   10.565  -2.714  1.00 0.00 ? 2  DG  A N2     1 
ATOM   52  N N3     . DG  A 1 2 ? 0.461   10.451  -2.554  1.00 0.00 ? 2  DG  A N3     1 
ATOM   53  C C4     . DG  A 1 2 ? -0.579  10.324  -1.686  1.00 0.00 ? 2  DG  A C4     1 
ATOM   54  H "H5'"  . DG  A 1 2 ? -5.786  12.295  -2.813  1.00 0.00 ? 2  DG  A "H5'"  1 
ATOM   55  H "H5''" . DG  A 1 2 ? -6.688  11.090  -3.752  1.00 0.00 ? 2  DG  A "H5''" 1 
ATOM   56  H "H4'"  . DG  A 1 2 ? -4.693  11.773  -4.957  1.00 0.00 ? 2  DG  A "H4'"  1 
ATOM   57  H "H3'"  . DG  A 1 2 ? -5.360  9.106   -4.525  1.00 0.00 ? 2  DG  A "H3'"  1 
ATOM   58  H "H2'"  . DG  A 1 2 ? -3.894  8.717   -2.787  1.00 0.00 ? 2  DG  A "H2'"  1 
ATOM   59  H "H2''" . DG  A 1 2 ? -2.820  8.291   -4.138  1.00 0.00 ? 2  DG  A "H2''" 1 
ATOM   60  H "H1'"  . DG  A 1 2 ? -1.761  10.368  -4.119  1.00 0.00 ? 2  DG  A "H1'"  1 
ATOM   61  H H8     . DG  A 1 2 ? -3.616  9.892   -0.753  1.00 0.00 ? 2  DG  A H8     1 
ATOM   62  H H1     . DG  A 1 2 ? 2.753   10.469  -0.182  1.00 0.00 ? 2  DG  A H1     1 
ATOM   63  H H21    . DG  A 1 2 ? 3.663   10.492  -2.313  1.00 0.00 ? 2  DG  A H21    1 
ATOM   64  H H22    . DG  A 1 2 ? 2.614   10.570  -3.714  1.00 0.00 ? 2  DG  A H22    1 
ATOM   65  P P      . DT  A 1 3 ? -3.927  8.364   -6.900  1.00 0.00 ? 3  DT  A P      1 
ATOM   66  O OP1    . DT  A 1 3 ? -4.018  8.800   -8.311  1.00 0.00 ? 3  DT  A OP1    1 
ATOM   67  O OP2    . DT  A 1 3 ? -4.901  7.385   -6.370  1.00 0.00 ? 3  DT  A OP2    1 
ATOM   68  O "O5'"  . DT  A 1 3 ? -2.445  7.787   -6.649  1.00 0.00 ? 3  DT  A "O5'"  1 
ATOM   69  C "C5'"  . DT  A 1 3 ? -1.329  8.350   -7.314  1.00 0.00 ? 3  DT  A "C5'"  1 
ATOM   70  C "C4'"  . DT  A 1 3 ? -0.016  7.788   -6.759  1.00 0.00 ? 3  DT  A "C4'"  1 
ATOM   71  O "O4'"  . DT  A 1 3 ? 0.058   8.058   -5.371  1.00 0.00 ? 3  DT  A "O4'"  1 
ATOM   72  C "C3'"  . DT  A 1 3 ? 0.154   6.272   -6.954  1.00 0.00 ? 3  DT  A "C3'"  1 
ATOM   73  O "O3'"  . DT  A 1 3 ? 1.281   6.021   -7.782  1.00 0.00 ? 3  DT  A "O3'"  1 
ATOM   74  C "C2'"  . DT  A 1 3 ? 0.381   5.770   -5.528  1.00 0.00 ? 3  DT  A "C2'"  1 
ATOM   75  C "C1'"  . DT  A 1 3 ? 0.814   7.027   -4.781  1.00 0.00 ? 3  DT  A "C1'"  1 
ATOM   76  N N1     . DT  A 1 3 ? 0.504   6.963   -3.330  1.00 0.00 ? 3  DT  A N1     1 
ATOM   77  C C2     . DT  A 1 3 ? 1.527   7.137   -2.406  1.00 0.00 ? 3  DT  A C2     1 
ATOM   78  O O2     . DT  A 1 3 ? 2.710   7.243   -2.711  1.00 0.00 ? 3  DT  A O2     1 
ATOM   79  N N3     . DT  A 1 3 ? 1.147   7.171   -1.080  1.00 0.00 ? 3  DT  A N3     1 
ATOM   80  C C4     . DT  A 1 3 ? -0.133  7.043   -0.588  1.00 0.00 ? 3  DT  A C4     1 
ATOM   81  O O4     . DT  A 1 3 ? -0.322  7.103   0.623   1.00 0.00 ? 3  DT  A O4     1 
ATOM   82  C C5     . DT  A 1 3 ? -1.145  6.846   -1.611  1.00 0.00 ? 3  DT  A C5     1 
ATOM   83  C C7     . DT  A 1 3 ? -2.597  6.636   -1.231  1.00 0.00 ? 3  DT  A C7     1 
ATOM   84  C C6     . DT  A 1 3 ? -0.792  6.811   -2.917  1.00 0.00 ? 3  DT  A C6     1 
ATOM   85  H "H5'"  . DT  A 1 3 ? -1.329  9.432   -7.169  1.00 0.00 ? 3  DT  A "H5'"  1 
ATOM   86  H "H5''" . DT  A 1 3 ? -1.389  8.137   -8.382  1.00 0.00 ? 3  DT  A "H5''" 1 
ATOM   87  H "H4'"  . DT  A 1 3 ? 0.815   8.301   -7.247  1.00 0.00 ? 3  DT  A "H4'"  1 
ATOM   88  H "H3'"  . DT  A 1 3 ? -0.754  5.836   -7.378  1.00 0.00 ? 3  DT  A "H3'"  1 
ATOM   89  H "H2'"  . DT  A 1 3 ? -0.555  5.367   -5.140  1.00 0.00 ? 3  DT  A "H2'"  1 
ATOM   90  H "H2''" . DT  A 1 3 ? 1.168   5.023   -5.484  1.00 0.00 ? 3  DT  A "H2''" 1 
ATOM   91  H "H1'"  . DT  A 1 3 ? 1.868   7.200   -4.986  1.00 0.00 ? 3  DT  A "H1'"  1 
ATOM   92  H H3     . DT  A 1 3 ? 1.898   7.251   -0.402  1.00 0.00 ? 3  DT  A H3     1 
ATOM   93  H H71    . DT  A 1 3 ? -2.915  7.406   -0.529  1.00 0.00 ? 3  DT  A H71    1 
ATOM   94  H H72    . DT  A 1 3 ? -3.258  6.636   -2.097  1.00 0.00 ? 3  DT  A H72    1 
ATOM   95  H H73    . DT  A 1 3 ? -2.686  5.673   -0.728  1.00 0.00 ? 3  DT  A H73    1 
ATOM   96  H H6     . DT  A 1 3 ? -1.545  6.648   -3.667  1.00 0.00 ? 3  DT  A H6     1 
ATOM   97  P P      . DC  A 1 4 ? 1.540   4.586   -8.484  1.00 0.00 ? 4  DC  A P      1 
ATOM   98  O OP1    . DC  A 1 4 ? 2.532   4.787   -9.563  1.00 0.00 ? 4  DC  A OP1    1 
ATOM   99  O OP2    . DC  A 1 4 ? 0.227   3.985   -8.804  1.00 0.00 ? 4  DC  A OP2    1 
ATOM   100 O "O5'"  . DC  A 1 4 ? 2.227   3.696   -7.330  1.00 0.00 ? 4  DC  A "O5'"  1 
ATOM   101 C "C5'"  . DC  A 1 4 ? 3.634   3.659   -7.172  1.00 0.00 ? 4  DC  A "C5'"  1 
ATOM   102 C "C4'"  . DC  A 1 4 ? 4.027   2.936   -5.876  1.00 0.00 ? 4  DC  A "C4'"  1 
ATOM   103 O "O4'"  . DC  A 1 4 ? 3.491   3.660   -4.771  1.00 0.00 ? 4  DC  A "O4'"  1 
ATOM   104 C "C3'"  . DC  A 1 4 ? 3.493   1.492   -5.796  1.00 0.00 ? 4  DC  A "C3'"  1 
ATOM   105 O "O3'"  . DC  A 1 4 ? 4.457   0.599   -5.275  1.00 0.00 ? 4  DC  A "O3'"  1 
ATOM   106 C "C2'"  . DC  A 1 4 ? 2.376   1.637   -4.774  1.00 0.00 ? 4  DC  A "C2'"  1 
ATOM   107 C "C1'"  . DC  A 1 4 ? 2.969   2.715   -3.865  1.00 0.00 ? 4  DC  A "C1'"  1 
ATOM   108 N N1     . DC  A 1 4 ? 1.996   3.308   -2.906  1.00 0.00 ? 4  DC  A N1     1 
ATOM   109 C C2     . DC  A 1 4 ? 2.435   3.622   -1.620  1.00 0.00 ? 4  DC  A C2     1 
ATOM   110 O O2     . DC  A 1 4 ? 3.631   3.670   -1.341  1.00 0.00 ? 4  DC  A O2     1 
ATOM   111 N N3     . DC  A 1 4 ? 1.515   3.816   -0.633  1.00 0.00 ? 4  DC  A N3     1 
ATOM   112 C C4     . DC  A 1 4 ? 0.208   3.781   -0.913  1.00 0.00 ? 4  DC  A C4     1 
ATOM   113 N N4     . DC  A 1 4 ? -0.655  3.736   0.091   1.00 0.00 ? 4  DC  A N4     1 
ATOM   114 C C5     . DC  A 1 4 ? -0.261  3.630   -2.252  1.00 0.00 ? 4  DC  A C5     1 
ATOM   115 C C6     . DC  A 1 4 ? 0.660   3.387   -3.203  1.00 0.00 ? 4  DC  A C6     1 
ATOM   116 H "H5'"  . DC  A 1 4 ? 4.026   4.677   -7.132  1.00 0.00 ? 4  DC  A "H5'"  1 
ATOM   117 H "H5''" . DC  A 1 4 ? 4.082   3.141   -8.022  1.00 0.00 ? 4  DC  A "H5''" 1 
ATOM   118 H "H4'"  . DC  A 1 4 ? 5.116   2.922   -5.804  1.00 0.00 ? 4  DC  A "H4'"  1 
ATOM   119 H "H3'"  . DC  A 1 4 ? 3.100   1.131   -6.750  1.00 0.00 ? 4  DC  A "H3'"  1 
ATOM   120 H "H2'"  . DC  A 1 4 ? 1.514   1.974   -5.346  1.00 0.00 ? 4  DC  A "H2'"  1 
ATOM   121 H "H2''" . DC  A 1 4 ? 2.143   0.716   -4.238  1.00 0.00 ? 4  DC  A "H2''" 1 
ATOM   122 H "H1'"  . DC  A 1 4 ? 3.793   2.251   -3.319  1.00 0.00 ? 4  DC  A "H1'"  1 
ATOM   123 H H41    . DC  A 1 4 ? -0.300  3.833   1.037   1.00 0.00 ? 4  DC  A H41    1 
ATOM   124 H H42    . DC  A 1 4 ? -1.569  3.323   -0.054  1.00 0.00 ? 4  DC  A H42    1 
ATOM   125 H H5     . DC  A 1 4 ? -1.304  3.596   -2.530  1.00 0.00 ? 4  DC  A H5     1 
ATOM   126 H H6     . DC  A 1 4 ? 0.305   3.231   -4.205  1.00 0.00 ? 4  DC  A H6     1 
ATOM   127 P P      . DA  A 1 5 ? 5.403   -0.253  -6.256  1.00 0.00 ? 5  DA  A P      1 
ATOM   128 O OP1    . DA  A 1 5 ? 6.235   0.682   -7.043  1.00 0.00 ? 5  DA  A OP1    1 
ATOM   129 O OP2    . DA  A 1 5 ? 4.579   -1.277  -6.927  1.00 0.00 ? 5  DA  A OP2    1 
ATOM   130 O "O5'"  . DA  A 1 5 ? 6.336   -1.011  -5.199  1.00 0.00 ? 5  DA  A "O5'"  1 
ATOM   131 C "C5'"  . DA  A 1 5 ? 7.748   -0.919  -5.281  1.00 0.00 ? 5  DA  A "C5'"  1 
ATOM   132 C "C4'"  . DA  A 1 5 ? 8.433   -1.525  -4.044  1.00 0.00 ? 5  DA  A "C4'"  1 
ATOM   133 O "O4'"  . DA  A 1 5 ? 7.763   -1.036  -2.900  1.00 0.00 ? 5  DA  A "O4'"  1 
ATOM   134 C "C3'"  . DA  A 1 5 ? 8.371   -3.055  -3.947  1.00 0.00 ? 5  DA  A "C3'"  1 
ATOM   135 O "O3'"  . DA  A 1 5 ? 9.364   -3.500  -3.037  1.00 0.00 ? 5  DA  A "O3'"  1 
ATOM   136 C "C2'"  . DA  A 1 5 ? 6.966   -3.253  -3.406  1.00 0.00 ? 5  DA  A "C2'"  1 
ATOM   137 C "C1'"  . DA  A 1 5 ? 6.807   -2.012  -2.516  1.00 0.00 ? 5  DA  A "C1'"  1 
ATOM   138 N N9     . DA  A 1 5 ? 5.424   -1.487  -2.428  1.00 0.00 ? 5  DA  A N9     1 
ATOM   139 C C8     . DA  A 1 5 ? 4.328   -1.804  -3.191  1.00 0.00 ? 5  DA  A C8     1 
ATOM   140 N N7     . DA  A 1 5 ? 3.185   -1.381  -2.701  1.00 0.00 ? 5  DA  A N7     1 
ATOM   141 C C5     . DA  A 1 5 ? 3.592   -0.621  -1.608  1.00 0.00 ? 5  DA  A C5     1 
ATOM   142 C C6     . DA  A 1 5 ? 2.915   0.160   -0.669  1.00 0.00 ? 5  DA  A C6     1 
ATOM   143 N N6     . DA  A 1 5 ? 1.585   0.254   -0.612  1.00 0.00 ? 5  DA  A N6     1 
ATOM   144 N N1     . DA  A 1 5 ? 3.585   0.806   0.292   1.00 0.00 ? 5  DA  A N1     1 
ATOM   145 C C2     . DA  A 1 5 ? 4.897   0.717   0.288   1.00 0.00 ? 5  DA  A C2     1 
ATOM   146 N N3     . DA  A 1 5 ? 5.647   -0.015  -0.489  1.00 0.00 ? 5  DA  A N3     1 
ATOM   147 C C4     . DA  A 1 5 ? 4.945   -0.642  -1.459  1.00 0.00 ? 5  DA  A C4     1 
ATOM   148 H "H5'"  . DA  A 1 5 ? 8.030   0.134   -5.319  1.00 0.00 ? 5  DA  A "H5'"  1 
ATOM   149 H "H5''" . DA  A 1 5 ? 8.106   -1.410  -6.187  1.00 0.00 ? 5  DA  A "H5''" 1 
ATOM   150 H "H4'"  . DA  A 1 5 ? 9.475   -1.203  -4.036  1.00 0.00 ? 5  DA  A "H4'"  1 
ATOM   151 H "H3'"  . DA  A 1 5 ? 8.494   -3.517  -4.926  1.00 0.00 ? 5  DA  A "H3'"  1 
ATOM   152 H "H2'"  . DA  A 1 5 ? 6.311   -3.260  -4.273  1.00 0.00 ? 5  DA  A "H2'"  1 
ATOM   153 H "H2''" . DA  A 1 5 ? 6.846   -4.183  -2.857  1.00 0.00 ? 5  DA  A "H2''" 1 
ATOM   154 H "H1'"  . DA  A 1 5 ? 7.090   -2.335  -1.514  1.00 0.00 ? 5  DA  A "H1'"  1 
ATOM   155 H H8     . DA  A 1 5 ? 4.401   -2.423  -4.071  1.00 0.00 ? 5  DA  A H8     1 
ATOM   156 H H61    . DA  A 1 5 ? 1.258   0.965   0.030   1.00 0.00 ? 5  DA  A H61    1 
ATOM   157 H H2     . DA  A 1 5 ? 5.407   1.238   1.079   1.00 0.00 ? 5  DA  A H2     1 
ATOM   158 P P      . DC  A 1 6 ? 9.618   -5.059  -2.736  1.00 0.00 ? 6  DC  A P      1 
ATOM   159 O OP1    . DC  A 1 6 ? 11.026  -5.229  -2.318  1.00 0.00 ? 6  DC  A OP1    1 
ATOM   160 O OP2    . DC  A 1 6 ? 9.089   -5.836  -3.878  1.00 0.00 ? 6  DC  A OP2    1 
ATOM   161 O "O5'"  . DC  A 1 6 ? 8.673   -5.323  -1.457  1.00 0.00 ? 6  DC  A "O5'"  1 
ATOM   162 C "C5'"  . DC  A 1 6 ? 8.126   -6.604  -1.215  1.00 0.00 ? 6  DC  A "C5'"  1 
ATOM   163 C "C4'"  . DC  A 1 6 ? 7.450   -6.663  0.163   1.00 0.00 ? 6  DC  A "C4'"  1 
ATOM   164 O "O4'"  . DC  A 1 6 ? 6.358   -5.753  0.229   1.00 0.00 ? 6  DC  A "O4'"  1 
ATOM   165 C "C3'"  . DC  A 1 6 ? 6.885   -8.068  0.414   1.00 0.00 ? 6  DC  A "C3'"  1 
ATOM   166 O "O3'"  . DC  A 1 6 ? 7.087   -8.416  1.773   1.00 0.00 ? 6  DC  A "O3'"  1 
ATOM   167 C "C2'"  . DC  A 1 6 ? 5.408   -7.872  0.095   1.00 0.00 ? 6  DC  A "C2'"  1 
ATOM   168 C "C1'"  . DC  A 1 6 ? 5.190   -6.457  0.621   1.00 0.00 ? 6  DC  A "C1'"  1 
ATOM   169 N N1     . DC  A 1 6 ? 3.979   -5.838  0.013   1.00 0.00 ? 6  DC  A N1     1 
ATOM   170 C C2     . DC  A 1 6 ? 2.789   -5.787  0.737   1.00 0.00 ? 6  DC  A C2     1 
ATOM   171 O O2     . DC  A 1 6 ? 2.712   -6.230  1.881   1.00 0.00 ? 6  DC  A O2     1 
ATOM   172 N N3     . DC  A 1 6 ? 1.680   -5.230  0.168   1.00 0.00 ? 6  DC  A N3     1 
ATOM   173 C C4     . DC  A 1 6 ? 1.736   -4.779  -1.090  1.00 0.00 ? 6  DC  A C4     1 
ATOM   174 N N4     . DC  A 1 6 ? 0.620   -4.314  -1.636  1.00 0.00 ? 6  DC  A N4     1 
ATOM   175 C C5     . DC  A 1 6 ? 2.951   -4.772  -1.840  1.00 0.00 ? 6  DC  A C5     1 
ATOM   176 C C6     . DC  A 1 6 ? 4.037   -5.323  -1.253  1.00 0.00 ? 6  DC  A C6     1 
ATOM   177 H "H5'"  . DC  A 1 6 ? 8.932   -7.340  -1.239  1.00 0.00 ? 6  DC  A "H5'"  1 
ATOM   178 H "H5''" . DC  A 1 6 ? 7.401   -6.845  -1.994  1.00 0.00 ? 6  DC  A "H5''" 1 
ATOM   179 H "H4'"  . DC  A 1 6 ? 8.190   -6.414  0.925   1.00 0.00 ? 6  DC  A "H4'"  1 
ATOM   180 H "H3'"  . DC  A 1 6 ? 7.331   -8.796  -0.261  1.00 0.00 ? 6  DC  A "H3'"  1 
ATOM   181 H "H2'"  . DC  A 1 6 ? 5.268   -7.921  -0.991  1.00 0.00 ? 6  DC  A "H2'"  1 
ATOM   182 H "H2''" . DC  A 1 6 ? 4.776   -8.596  0.608   1.00 0.00 ? 6  DC  A "H2''" 1 
ATOM   183 H "H1'"  . DC  A 1 6 ? 5.156   -6.474  1.713   1.00 0.00 ? 6  DC  A "H1'"  1 
ATOM   184 H H41    . DC  A 1 6 ? -0.267  -4.522  -1.183  1.00 0.00 ? 6  DC  A H41    1 
ATOM   185 H H42    . DC  A 1 6 ? 0.635   -3.918  -2.563  1.00 0.00 ? 6  DC  A H42    1 
ATOM   186 H H5     . DC  A 1 6 ? 3.030   -4.367  -2.838  1.00 0.00 ? 6  DC  A H5     1 
ATOM   187 H H6     . DC  A 1 6 ? 4.970   -5.373  -1.794  1.00 0.00 ? 6  DC  A H6     1 
ATOM   188 P P      . DG  A 1 7 ? 7.230   -9.953  2.247   1.00 0.00 ? 7  DG  A P      1 
ATOM   189 O OP1    . DG  A 1 7 ? 7.693   -9.953  3.652   1.00 0.00 ? 7  DG  A OP1    1 
ATOM   190 O OP2    . DG  A 1 7 ? 8.001   -10.687 1.222   1.00 0.00 ? 7  DG  A OP2    1 
ATOM   191 O "O5'"  . DG  A 1 7 ? 5.714   -10.491 2.218   1.00 0.00 ? 7  DG  A "O5'"  1 
ATOM   192 C "C5'"  . DG  A 1 7 ? 5.009   -10.726 3.421   1.00 0.00 ? 7  DG  A "C5'"  1 
ATOM   193 C "C4'"  . DG  A 1 7 ? 3.569   -11.171 3.147   1.00 0.00 ? 7  DG  A "C4'"  1 
ATOM   194 O "O4'"  . DG  A 1 7 ? 2.822   -10.097 2.595   1.00 0.00 ? 7  DG  A "O4'"  1 
ATOM   195 C "C3'"  . DG  A 1 7 ? 3.465   -12.360 2.171   1.00 0.00 ? 7  DG  A "C3'"  1 
ATOM   196 O "O3'"  . DG  A 1 7 ? 2.561   -13.306 2.723   1.00 0.00 ? 7  DG  A "O3'"  1 
ATOM   197 C "C2'"  . DG  A 1 7 ? 2.880   -11.676 0.935   1.00 0.00 ? 7  DG  A "C2'"  1 
ATOM   198 C "C1'"  . DG  A 1 7 ? 1.980   -10.651 1.607   1.00 0.00 ? 7  DG  A "C1'"  1 
ATOM   199 N N9     . DG  A 1 7 ? 1.443   -9.611  0.703   1.00 0.00 ? 7  DG  A N9     1 
ATOM   200 C C8     . DG  A 1 7 ? 1.996   -9.057  -0.422  1.00 0.00 ? 7  DG  A C8     1 
ATOM   201 N N7     . DG  A 1 7 ? 1.267   -8.126  -0.977  1.00 0.00 ? 7  DG  A N7     1 
ATOM   202 C C5     . DG  A 1 7 ? 0.133   -8.072  -0.170  1.00 0.00 ? 7  DG  A C5     1 
ATOM   203 C C6     . DG  A 1 7 ? -1.040  -7.262  -0.260  1.00 0.00 ? 7  DG  A C6     1 
ATOM   204 O O6     . DG  A 1 7 ? -1.269  -6.339  -1.039  1.00 0.00 ? 7  DG  A O6     1 
ATOM   205 N N1     . DG  A 1 7 ? -2.009  -7.608  0.673   1.00 0.00 ? 7  DG  A N1     1 
ATOM   206 C C2     . DG  A 1 7 ? -1.831  -8.562  1.646   1.00 0.00 ? 7  DG  A C2     1 
ATOM   207 N N2     . DG  A 1 7 ? -2.820  -8.798  2.498   1.00 0.00 ? 7  DG  A N2     1 
ATOM   208 N N3     . DG  A 1 7 ? -0.717  -9.280  1.781   1.00 0.00 ? 7  DG  A N3     1 
ATOM   209 C C4     . DG  A 1 7 ? 0.222   -8.998  0.839   1.00 0.00 ? 7  DG  A C4     1 
ATOM   210 H "H5'"  . DG  A 1 7 ? 4.988   -9.817  4.023   1.00 0.00 ? 7  DG  A "H5'"  1 
ATOM   211 H "H5''" . DG  A 1 7 ? 5.515   -11.512 3.982   1.00 0.00 ? 7  DG  A "H5''" 1 
ATOM   212 H "H4'"  . DG  A 1 7 ? 3.117   -11.448 4.100   1.00 0.00 ? 7  DG  A "H4'"  1 
ATOM   213 H "H3'"  . DG  A 1 7 ? 4.435   -12.819 1.973   1.00 0.00 ? 7  DG  A "H3'"  1 
ATOM   214 H "H2'"  . DG  A 1 7 ? 3.686   -11.187 0.393   1.00 0.00 ? 7  DG  A "H2'"  1 
ATOM   215 H "H2''" . DG  A 1 7 ? 2.349   -12.351 0.272   1.00 0.00 ? 7  DG  A "H2''" 1 
ATOM   216 H "H1'"  . DG  A 1 7 ? 1.156   -11.175 2.090   1.00 0.00 ? 7  DG  A "H1'"  1 
ATOM   217 H H8     . DG  A 1 7 ? 2.955   -9.363  -0.809  1.00 0.00 ? 7  DG  A H8     1 
ATOM   218 H H1     . DG  A 1 7 ? -2.903  -7.121  0.603   1.00 0.00 ? 7  DG  A H1     1 
ATOM   219 H H21    . DG  A 1 7 ? -3.696  -8.294  2.443   1.00 0.00 ? 7  DG  A H21    1 
ATOM   220 H H22    . DG  A 1 7 ? -2.685  -9.508  3.199   1.00 0.00 ? 7  DG  A H22    1 
ATOM   221 P P      . DA  A 1 8 ? 2.332   -14.769 2.084   1.00 0.00 ? 8  DA  A P      1 
ATOM   222 O OP1    . DA  A 1 8 ? 2.660   -15.780 3.114   1.00 0.00 ? 8  DA  A OP1    1 
ATOM   223 O OP2    . DA  A 1 8 ? 2.984   -14.824 0.759   1.00 0.00 ? 8  DA  A OP2    1 
ATOM   224 O "O5'"  . DA  A 1 8 ? 0.739   -14.777 1.854   1.00 0.00 ? 8  DA  A "O5'"  1 
ATOM   225 C "C5'"  . DA  A 1 8 ? -0.144  -14.949 2.946   1.00 0.00 ? 8  DA  A "C5'"  1 
ATOM   226 C "C4'"  . DA  A 1 8 ? -1.607  -14.830 2.501   1.00 0.00 ? 8  DA  A "C4'"  1 
ATOM   227 O "O4'"  . DA  A 1 8 ? -1.828  -13.528 1.981   1.00 0.00 ? 8  DA  A "O4'"  1 
ATOM   228 C "C3'"  . DA  A 1 8 ? -1.988  -15.854 1.422   1.00 0.00 ? 8  DA  A "C3'"  1 
ATOM   229 O "O3'"  . DA  A 1 8 ? -3.269  -16.383 1.729   1.00 0.00 ? 8  DA  A "O3'"  1 
ATOM   230 C "C2'"  . DA  A 1 8 ? -2.003  -14.994 0.161   1.00 0.00 ? 8  DA  A "C2'"  1 
ATOM   231 C "C1'"  . DA  A 1 8 ? -2.435  -13.640 0.710   1.00 0.00 ? 8  DA  A "C1'"  1 
ATOM   232 N N9     . DA  A 1 8 ? -1.975  -12.532 -0.152  1.00 0.00 ? 8  DA  A N9     1 
ATOM   233 C C8     . DA  A 1 8 ? -0.688  -12.223 -0.505  1.00 0.00 ? 8  DA  A C8     1 
ATOM   234 N N7     . DA  A 1 8 ? -0.572  -11.167 -1.263  1.00 0.00 ? 8  DA  A N7     1 
ATOM   235 C C5     . DA  A 1 8 ? -1.888  -10.745 -1.417  1.00 0.00 ? 8  DA  A C5     1 
ATOM   236 C C6     . DA  A 1 8 ? -2.477  -9.677  -2.116  1.00 0.00 ? 8  DA  A C6     1 
ATOM   237 N N6     . DA  A 1 8 ? -1.757  -8.802  -2.813  1.00 0.00 ? 8  DA  A N6     1 
ATOM   238 N N1     . DA  A 1 8 ? -3.809  -9.512  -2.056  1.00 0.00 ? 8  DA  A N1     1 
ATOM   239 C C2     . DA  A 1 8 ? -4.527  -10.374 -1.343  1.00 0.00 ? 8  DA  A C2     1 
ATOM   240 N N3     . DA  A 1 8 ? -4.102  -11.427 -0.658  1.00 0.00 ? 8  DA  A N3     1 
ATOM   241 C C4     . DA  A 1 8 ? -2.753  -11.562 -0.737  1.00 0.00 ? 8  DA  A C4     1 
ATOM   242 H "H5'"  . DA  A 1 8 ? 0.055   -14.186 3.700   1.00 0.00 ? 8  DA  A "H5'"  1 
ATOM   243 H "H5''" . DA  A 1 8 ? 0.009   -15.933 3.391   1.00 0.00 ? 8  DA  A "H5''" 1 
ATOM   244 H "H4'"  . DA  A 1 8 ? -2.239  -14.973 3.378   1.00 0.00 ? 8  DA  A "H4'"  1 
ATOM   245 H "H3'"  . DA  A 1 8 ? -1.244  -16.650 1.360   1.00 0.00 ? 8  DA  A "H3'"  1 
ATOM   246 H "H2'"  . DA  A 1 8 ? -0.994  -14.946 -0.243  1.00 0.00 ? 8  DA  A "H2'"  1 
ATOM   247 H "H2''" . DA  A 1 8 ? -2.684  -15.360 -0.602  1.00 0.00 ? 8  DA  A "H2''" 1 
ATOM   248 H "H1'"  . DA  A 1 8 ? -3.516  -13.634 0.825   1.00 0.00 ? 8  DA  A "H1'"  1 
ATOM   249 H H8     . DA  A 1 8 ? 0.150   -12.819 -0.177  1.00 0.00 ? 8  DA  A H8     1 
ATOM   250 H H61    . DA  A 1 8 ? -0.752  -8.914  -2.826  1.00 0.00 ? 8  DA  A H61    1 
ATOM   251 H H62    . DA  A 1 8 ? -2.209  -8.056  -3.329  1.00 0.00 ? 8  DA  A H62    1 
ATOM   252 H H2     . DA  A 1 8 ? -5.592  -10.203 -1.328  1.00 0.00 ? 8  DA  A H2     1 
ATOM   253 P P      . DG  A 1 9 ? -3.866  -17.684 0.981   1.00 0.00 ? 9  DG  A P      1 
ATOM   254 O OP1    . DG  A 1 9 ? -4.802  -18.350 1.913   1.00 0.00 ? 9  DG  A OP1    1 
ATOM   255 O OP2    . DG  A 1 9 ? -2.743  -18.451 0.400   1.00 0.00 ? 9  DG  A OP2    1 
ATOM   256 O "O5'"  . DG  A 1 9 ? -4.720  -17.054 -0.229  1.00 0.00 ? 9  DG  A "O5'"  1 
ATOM   257 C "C5'"  . DG  A 1 9 ? -6.059  -16.638 -0.033  1.00 0.00 ? 9  DG  A "C5'"  1 
ATOM   258 C "C4'"  . DG  A 1 9 ? -6.626  -15.983 -1.297  1.00 0.00 ? 9  DG  A "C4'"  1 
ATOM   259 O "O4'"  . DG  A 1 9 ? -5.934  -14.768 -1.566  1.00 0.00 ? 9  DG  A "O4'"  1 
ATOM   260 C "C3'"  . DG  A 1 9 ? -6.484  -16.873 -2.548  1.00 0.00 ? 9  DG  A "C3'"  1 
ATOM   261 O "O3'"  . DG  A 1 9 ? -7.634  -16.810 -3.367  1.00 0.00 ? 9  DG  A "O3'"  1 
ATOM   262 C "C2'"  . DG  A 1 9 ? -5.384  -16.145 -3.313  1.00 0.00 ? 9  DG  A "C2'"  1 
ATOM   263 C "C1'"  . DG  A 1 9 ? -5.764  -14.709 -2.965  1.00 0.00 ? 9  DG  A "C1'"  1 
ATOM   264 N N9     . DG  A 1 9 ? -4.769  -13.702 -3.394  1.00 0.00 ? 9  DG  A N9     1 
ATOM   265 C C8     . DG  A 1 9 ? -3.402  -13.782 -3.395  1.00 0.00 ? 9  DG  A C8     1 
ATOM   266 N N7     . DG  A 1 9 ? -2.806  -12.754 -3.935  1.00 0.00 ? 9  DG  A N7     1 
ATOM   267 C C5     . DG  A 1 9 ? -3.858  -11.924 -4.317  1.00 0.00 ? 9  DG  A C5     1 
ATOM   268 C C6     . DG  A 1 9 ? -3.852  -10.661 -4.985  1.00 0.00 ? 9  DG  A C6     1 
ATOM   269 O O6     . DG  A 1 9 ? -2.886  -10.032 -5.410  1.00 0.00 ? 9  DG  A O6     1 
ATOM   270 N N1     . DG  A 1 9 ? -5.123  -10.130 -5.146  1.00 0.00 ? 9  DG  A N1     1 
ATOM   271 C C2     . DG  A 1 9 ? -6.276  -10.749 -4.727  1.00 0.00 ? 9  DG  A C2     1 
ATOM   272 N N2     . DG  A 1 9 ? -7.441  -10.162 -4.965  1.00 0.00 ? 9  DG  A N2     1 
ATOM   273 N N3     . DG  A 1 9 ? -6.296  -11.952 -4.149  1.00 0.00 ? 9  DG  A N3     1 
ATOM   274 C C4     . DG  A 1 9 ? -5.059  -12.484 -3.962  1.00 0.00 ? 9  DG  A C4     1 
ATOM   275 H "H5'"  . DG  A 1 9 ? -6.107  -15.922 0.789   1.00 0.00 ? 9  DG  A "H5'"  1 
ATOM   276 H "H5''" . DG  A 1 9 ? -6.674  -17.504 0.215   1.00 0.00 ? 9  DG  A "H5''" 1 
ATOM   277 H "H4'"  . DG  A 1 9 ? -7.678  -15.753 -1.123  1.00 0.00 ? 9  DG  A "H4'"  1 
ATOM   278 H "H3'"  . DG  A 1 9 ? -6.205  -17.906 -2.327  1.00 0.00 ? 9  DG  A "H3'"  1 
ATOM   279 H "HO3'" . DG  A 1 9 ? -8.912  -17.756 -3.145  1.00 0.00 ? 9  DG  A "HO3'" 1 
ATOM   280 H "H2'"  . DG  A 1 9 ? -4.416  -16.411 -2.890  1.00 0.00 ? 9  DG  A "H2'"  1 
ATOM   281 H "H2''" . DG  A 1 9 ? -5.413  -16.346 -4.384  1.00 0.00 ? 9  DG  A "H2''" 1 
ATOM   282 H "H1'"  . DG  A 1 9 ? -6.721  -14.467 -3.425  1.00 0.00 ? 9  DG  A "H1'"  1 
ATOM   283 H H8     . DG  A 1 9 ? -2.867  -14.632 -2.999  1.00 0.00 ? 9  DG  A H8     1 
ATOM   284 H H1     . DG  A 1 9 ? -5.168  -9.243  -5.649  1.00 0.00 ? 9  DG  A H1     1 
ATOM   285 H H21    . DG  A 1 9 ? -7.494  -9.255  -5.409  1.00 0.00 ? 9  DG  A H21    1 
ATOM   286 H H22    . DG  A 1 9 ? -8.284  -10.634 -4.676  1.00 0.00 ? 9  DG  A H22    1 
ATOM   287 O "O5'"  . DC  B 2 1 ? -7.319  -3.883  -11.504 1.00 0.00 ? 10 DC  B "O5'"  1 
ATOM   288 C "C5'"  . DC  B 2 1 ? -7.754  -3.195  -10.350 1.00 0.00 ? 10 DC  B "C5'"  1 
ATOM   289 C "C4'"  . DC  B 2 1 ? -8.644  -4.111  -9.503  1.00 0.00 ? 10 DC  B "C4'"  1 
ATOM   290 O "O4'"  . DC  B 2 1 ? -7.947  -5.312  -9.208  1.00 0.00 ? 10 DC  B "O4'"  1 
ATOM   291 C "C3'"  . DC  B 2 1 ? -8.989  -3.443  -8.167  1.00 0.00 ? 10 DC  B "C3'"  1 
ATOM   292 O "O3'"  . DC  B 2 1 ? -10.288 -3.852  -7.771  1.00 0.00 ? 10 DC  B "O3'"  1 
ATOM   293 C "C2'"  . DC  B 2 1 ? -7.896  -4.004  -7.260  1.00 0.00 ? 10 DC  B "C2'"  1 
ATOM   294 C "C1'"  . DC  B 2 1 ? -7.739  -5.418  -7.814  1.00 0.00 ? 10 DC  B "C1'"  1 
ATOM   295 N N1     . DC  B 2 1 ? -6.390  -5.992  -7.572  1.00 0.00 ? 10 DC  B N1     1 
ATOM   296 C C2     . DC  B 2 1 ? -6.260  -7.163  -6.833  1.00 0.00 ? 10 DC  B C2     1 
ATOM   297 O O2     . DC  B 2 1 ? -7.224  -7.688  -6.282  1.00 0.00 ? 10 DC  B O2     1 
ATOM   298 N N3     . DC  B 2 1 ? -5.027  -7.724  -6.681  1.00 0.00 ? 10 DC  B N3     1 
ATOM   299 C C4     . DC  B 2 1 ? -3.955  -7.154  -7.241  1.00 0.00 ? 10 DC  B C4     1 
ATOM   300 N N4     . DC  B 2 1 ? -2.768  -7.721  -7.065  1.00 0.00 ? 10 DC  B N4     1 
ATOM   301 C C5     . DC  B 2 1 ? -4.056  -5.945  -7.999  1.00 0.00 ? 10 DC  B C5     1 
ATOM   302 C C6     . DC  B 2 1 ? -5.290  -5.411  -8.135  1.00 0.00 ? 10 DC  B C6     1 
ATOM   303 H "H5'"  . DC  B 2 1 ? -8.327  -2.314  -10.644 1.00 0.00 ? 10 DC  B "H5'"  1 
ATOM   304 H "H5''" . DC  B 2 1 ? -6.887  -2.877  -9.770  1.00 0.00 ? 10 DC  B "H5''" 1 
ATOM   305 H "H4'"  . DC  B 2 1 ? -9.550  -4.334  -10.066 1.00 0.00 ? 10 DC  B "H4'"  1 
ATOM   306 H "H3'"  . DC  B 2 1 ? -8.931  -2.356  -8.252  1.00 0.00 ? 10 DC  B "H3'"  1 
ATOM   307 H "H2'"  . DC  B 2 1 ? -6.980  -3.426  -7.375  1.00 0.00 ? 10 DC  B "H2'"  1 
ATOM   308 H "H2''" . DC  B 2 1 ? -8.201  -4.014  -6.218  1.00 0.00 ? 10 DC  B "H2''" 1 
ATOM   309 H "H1'"  . DC  B 2 1 ? -8.536  -6.019  -7.388  1.00 0.00 ? 10 DC  B "H1'"  1 
ATOM   310 H H41    . DC  B 2 1 ? -2.712  -8.558  -6.494  1.00 0.00 ? 10 DC  B H41    1 
ATOM   311 H H42    . DC  B 2 1 ? -1.933  -7.299  -7.433  1.00 0.00 ? 10 DC  B H42    1 
ATOM   312 H H5     . DC  B 2 1 ? -3.219  -5.437  -8.450  1.00 0.00 ? 10 DC  B H5     1 
ATOM   313 H H6     . DC  B 2 1 ? -5.415  -4.496  -8.691  1.00 0.00 ? 10 DC  B H6     1 
ATOM   314 H "HO5'" . DC  B 2 1 ? -6.463  -3.132  -12.635 1.00 0.00 ? 10 DC  B "HO5'" 1 
ATOM   315 P P      . DT  B 2 2 ? -11.096 -3.108  -6.590  1.00 0.00 ? 11 DT  B P      1 
ATOM   316 O OP1    . DT  B 2 2 ? -12.542 -3.327  -6.813  1.00 0.00 ? 11 DT  B OP1    1 
ATOM   317 O OP2    . DT  B 2 2 ? -10.575 -1.728  -6.469  1.00 0.00 ? 11 DT  B OP2    1 
ATOM   318 O "O5'"  . DT  B 2 2 ? -10.656 -3.919  -5.275  1.00 0.00 ? 11 DT  B "O5'"  1 
ATOM   319 C "C5'"  . DT  B 2 2 ? -11.384 -5.046  -4.821  1.00 0.00 ? 11 DT  B "C5'"  1 
ATOM   320 C "C4'"  . DT  B 2 2 ? -10.746 -5.630  -3.553  1.00 0.00 ? 11 DT  B "C4'"  1 
ATOM   321 O "O4'"  . DT  B 2 2 ? -9.495  -6.229  -3.878  1.00 0.00 ? 11 DT  B "O4'"  1 
ATOM   322 C "C3'"  . DT  B 2 2 ? -10.470 -4.537  -2.500  1.00 0.00 ? 11 DT  B "C3'"  1 
ATOM   323 O "O3'"  . DT  B 2 2 ? -10.649 -4.990  -1.174  1.00 0.00 ? 11 DT  B "O3'"  1 
ATOM   324 C "C2'"  . DT  B 2 2 ? -8.968  -4.349  -2.675  1.00 0.00 ? 11 DT  B "C2'"  1 
ATOM   325 C "C1'"  . DT  B 2 2 ? -8.566  -5.809  -2.904  1.00 0.00 ? 11 DT  B "C1'"  1 
ATOM   326 N N1     . DT  B 2 2 ? -7.158  -6.044  -3.317  1.00 0.00 ? 11 DT  B N1     1 
ATOM   327 C C2     . DT  B 2 2 ? -6.553  -7.247  -2.949  1.00 0.00 ? 11 DT  B C2     1 
ATOM   328 O O2     . DT  B 2 2 ? -7.130  -8.138  -2.334  1.00 0.00 ? 11 DT  B O2     1 
ATOM   329 N N3     . DT  B 2 2 ? -5.220  -7.390  -3.275  1.00 0.00 ? 11 DT  B N3     1 
ATOM   330 C C4     . DT  B 2 2 ? -4.438  -6.470  -3.935  1.00 0.00 ? 11 DT  B C4     1 
ATOM   331 O O4     . DT  B 2 2 ? -3.245  -6.696  -4.118  1.00 0.00 ? 11 DT  B O4     1 
ATOM   332 C C5     . DT  B 2 2 ? -5.146  -5.257  -4.315  1.00 0.00 ? 11 DT  B C5     1 
ATOM   333 C C7     . DT  B 2 2 ? -4.443  -4.139  -5.051  1.00 0.00 ? 11 DT  B C7     1 
ATOM   334 C C6     . DT  B 2 2 ? -6.446  -5.088  -3.991  1.00 0.00 ? 11 DT  B C6     1 
ATOM   335 H "H5'"  . DT  B 2 2 ? -11.414 -5.811  -5.598  1.00 0.00 ? 11 DT  B "H5'"  1 
ATOM   336 H "H5''" . DT  B 2 2 ? -12.404 -4.741  -4.583  1.00 0.00 ? 11 DT  B "H5''" 1 
ATOM   337 H "H4'"  . DT  B 2 2 ? -11.410 -6.394  -3.148  1.00 0.00 ? 11 DT  B "H4'"  1 
ATOM   338 H "H3'"  . DT  B 2 2 ? -11.017 -3.610  -2.675  1.00 0.00 ? 11 DT  B "H3'"  1 
ATOM   339 H "H2'"  . DT  B 2 2 ? -8.806  -3.725  -3.550  1.00 0.00 ? 11 DT  B "H2'"  1 
ATOM   340 H "H2''" . DT  B 2 2 ? -8.513  -3.899  -1.802  1.00 0.00 ? 11 DT  B "H2''" 1 
ATOM   341 H "H1'"  . DT  B 2 2 ? -8.746  -6.344  -1.975  1.00 0.00 ? 11 DT  B "H1'"  1 
ATOM   342 H H3     . DT  B 2 2 ? -4.753  -8.231  -2.940  1.00 0.00 ? 11 DT  B H3     1 
ATOM   343 H H71    . DT  B 2 2 ? -5.081  -3.725  -5.831  1.00 0.00 ? 11 DT  B H71    1 
ATOM   344 H H72    . DT  B 2 2 ? -3.527  -4.512  -5.510  1.00 0.00 ? 11 DT  B H72    1 
ATOM   345 H H73    . DT  B 2 2 ? -4.181  -3.346  -4.350  1.00 0.00 ? 11 DT  B H73    1 
ATOM   346 H H6     . DT  B 2 2 ? -6.916  -4.159  -4.252  1.00 0.00 ? 11 DT  B H6     1 
ATOM   347 P P      . DC  B 2 3 ? -12.087 -5.040  -0.458  1.00 0.00 ? 12 DC  B P      1 
ATOM   348 O OP1    . DC  B 2 3 ? -12.930 -6.050  -1.134  1.00 0.00 ? 12 DC  B OP1    1 
ATOM   349 O OP2    . DC  B 2 3 ? -12.577 -3.655  -0.282  1.00 0.00 ? 12 DC  B OP2    1 
ATOM   350 O "O5'"  . DC  B 2 3 ? -11.642 -5.609  0.977   1.00 0.00 ? 12 DC  B "O5'"  1 
ATOM   351 C "C5'"  . DC  B 2 3 ? -10.916 -4.795  1.879   1.00 0.00 ? 12 DC  B "C5'"  1 
ATOM   352 C "C4'"  . DC  B 2 3 ? -9.937  -5.652  2.689   1.00 0.00 ? 12 DC  B "C4'"  1 
ATOM   353 O "O4'"  . DC  B 2 3 ? -8.967  -6.211  1.813   1.00 0.00 ? 12 DC  B "O4'"  1 
ATOM   354 C "C3'"  . DC  B 2 3 ? -9.192  -4.796  3.723   1.00 0.00 ? 12 DC  B "C3'"  1 
ATOM   355 O "O3'"  . DC  B 2 3 ? -9.251  -5.432  4.988   1.00 0.00 ? 12 DC  B "O3'"  1 
ATOM   356 C "C2'"  . DC  B 2 3 ? -7.779  -4.741  3.166   1.00 0.00 ? 12 DC  B "C2'"  1 
ATOM   357 C "C1'"  . DC  B 2 3 ? -7.678  -6.030  2.362   1.00 0.00 ? 12 DC  B "C1'"  1 
ATOM   358 N N1     . DC  B 2 3 ? -6.683  -5.859  1.276   1.00 0.00 ? 12 DC  B N1     1 
ATOM   359 C C2     . DC  B 2 3 ? -5.469  -6.540  1.319   1.00 0.00 ? 12 DC  B C2     1 
ATOM   360 O O2     . DC  B 2 3 ? -5.245  -7.385  2.180   1.00 0.00 ? 12 DC  B O2     1 
ATOM   361 N N3     . DC  B 2 3 ? -4.500  -6.245  0.402   1.00 0.00 ? 12 DC  B N3     1 
ATOM   362 C C4     . DC  B 2 3 ? -4.721  -5.289  -0.508  1.00 0.00 ? 12 DC  B C4     1 
ATOM   363 N N4     . DC  B 2 3 ? -3.762  -5.012  -1.382  1.00 0.00 ? 12 DC  B N4     1 
ATOM   364 C C5     . DC  B 2 3 ? -5.954  -4.570  -0.569  1.00 0.00 ? 12 DC  B C5     1 
ATOM   365 C C6     . DC  B 2 3 ? -6.899  -4.899  0.332   1.00 0.00 ? 12 DC  B C6     1 
ATOM   366 H "H5'"  . DC  B 2 3 ? -11.621 -4.296  2.544   1.00 0.00 ? 12 DC  B "H5'"  1 
ATOM   367 H "H5''" . DC  B 2 3 ? -10.340 -4.038  1.344   1.00 0.00 ? 12 DC  B "H5''" 1 
ATOM   368 H "H4'"  . DC  B 2 3 ? -10.486 -6.451  3.189   1.00 0.00 ? 12 DC  B "H4'"  1 
ATOM   369 H "H3'"  . DC  B 2 3 ? -9.575  -3.777  3.739   1.00 0.00 ? 12 DC  B "H3'"  1 
ATOM   370 H "H2'"  . DC  B 2 3 ? -7.710  -3.858  2.534   1.00 0.00 ? 12 DC  B "H2'"  1 
ATOM   371 H "H2''" . DC  B 2 3 ? -7.018  -4.695  3.936   1.00 0.00 ? 12 DC  B "H2''" 1 
ATOM   372 H "H1'"  . DC  B 2 3 ? -7.454  -6.851  3.040   1.00 0.00 ? 12 DC  B "H1'"  1 
ATOM   373 H H41    . DC  B 2 3 ? -2.885  -5.515  -1.337  1.00 0.00 ? 12 DC  B H41    1 
ATOM   374 H H42    . DC  B 2 3 ? -3.872  -4.253  -2.034  1.00 0.00 ? 12 DC  B H42    1 
ATOM   375 H H5     . DC  B 2 3 ? -6.156  -3.739  -1.219  1.00 0.00 ? 12 DC  B H5     1 
ATOM   376 H H6     . DC  B 2 3 ? -7.836  -4.365  0.346   1.00 0.00 ? 12 DC  B H6     1 
ATOM   377 P P      . DG  B 2 4 ? -9.164  -4.601  6.368   1.00 0.00 ? 13 DG  B P      1 
ATOM   378 O OP1    . DG  B 2 4 ? -9.567  -5.500  7.472   1.00 0.00 ? 13 DG  B OP1    1 
ATOM   379 O OP2    . DG  B 2 4 ? -9.866  -3.313  6.177   1.00 0.00 ? 13 DG  B OP2    1 
ATOM   380 O "O5'"  . DG  B 2 4 ? -7.592  -4.299  6.506   1.00 0.00 ? 13 DG  B "O5'"  1 
ATOM   381 C "C5'"  . DG  B 2 4 ? -6.753  -5.119  7.299   1.00 0.00 ? 13 DG  B "C5'"  1 
ATOM   382 C "C4'"  . DG  B 2 4 ? -5.283  -4.727  7.101   1.00 0.00 ? 13 DG  B "C4'"  1 
ATOM   383 O "O4'"  . DG  B 2 4 ? -4.894  -5.069  5.773   1.00 0.00 ? 13 DG  B "O4'"  1 
ATOM   384 C "C3'"  . DG  B 2 4 ? -5.061  -3.208  7.275   1.00 0.00 ? 13 DG  B "C3'"  1 
ATOM   385 O "O3'"  . DG  B 2 4 ? -3.825  -2.874  7.880   1.00 0.00 ? 13 DG  B "O3'"  1 
ATOM   386 C "C2'"  . DG  B 2 4 ? -4.920  -2.778  5.821   1.00 0.00 ? 13 DG  B "C2'"  1 
ATOM   387 C "C1'"  . DG  B 2 4 ? -4.142  -3.982  5.294   1.00 0.00 ? 13 DG  B "C1'"  1 
ATOM   388 N N9     . DG  B 2 4 ? -3.936  -3.967  3.827   1.00 0.00 ? 13 DG  B N9     1 
ATOM   389 C C8     . DG  B 2 4 ? -4.652  -3.299  2.869   1.00 0.00 ? 13 DG  B C8     1 
ATOM   390 N N7     . DG  B 2 4 ? -4.049  -3.207  1.716   1.00 0.00 ? 13 DG  B N7     1 
ATOM   391 C C5     . DG  B 2 4 ? -2.855  -3.896  1.909   1.00 0.00 ? 13 DG  B C5     1 
ATOM   392 C C6     . DG  B 2 4 ? -1.729  -4.061  1.049   1.00 0.00 ? 13 DG  B C6     1 
ATOM   393 O O6     . DG  B 2 4 ? -1.551  -3.585  -0.073  1.00 0.00 ? 13 DG  B O6     1 
ATOM   394 N N1     . DG  B 2 4 ? -0.710  -4.801  1.632   1.00 0.00 ? 13 DG  B N1     1 
ATOM   395 C C2     . DG  B 2 4 ? -0.768  -5.331  2.897   1.00 0.00 ? 13 DG  B C2     1 
ATOM   396 N N2     . DG  B 2 4 ? 0.277   -6.022  3.336   1.00 0.00 ? 13 DG  B N2     1 
ATOM   397 N N3     . DG  B 2 4 ? -1.786  -5.123  3.733   1.00 0.00 ? 13 DG  B N3     1 
ATOM   398 C C4     . DG  B 2 4 ? -2.802  -4.408  3.183   1.00 0.00 ? 13 DG  B C4     1 
ATOM   399 H "H5'"  . DG  B 2 4 ? -6.880  -6.167  7.023   1.00 0.00 ? 13 DG  B "H5'"  1 
ATOM   400 H "H5''" . DG  B 2 4 ? -7.017  -4.993  8.351   1.00 0.00 ? 13 DG  B "H5''" 1 
ATOM   401 H "H4'"  . DG  B 2 4 ? -4.672  -5.286  7.809   1.00 0.00 ? 13 DG  B "H4'"  1 
ATOM   402 H "H3'"  . DG  B 2 4 ? -5.889  -2.696  7.769   1.00 0.00 ? 13 DG  B "H3'"  1 
ATOM   403 H "H2'"  . DG  B 2 4 ? -5.905  -2.719  5.362   1.00 0.00 ? 13 DG  B "H2'"  1 
ATOM   404 H "H2''" . DG  B 2 4 ? -4.392  -1.832  5.724   1.00 0.00 ? 13 DG  B "H2''" 1 
ATOM   405 H "H1'"  . DG  B 2 4 ? -3.162  -4.015  5.768   1.00 0.00 ? 13 DG  B "H1'"  1 
ATOM   406 H H8     . DG  B 2 4 ? -5.613  -2.849  3.067   1.00 0.00 ? 13 DG  B H8     1 
ATOM   407 H H1     . DG  B 2 4 ? 0.129   -4.956  1.072   1.00 0.00 ? 13 DG  B H1     1 
ATOM   408 H H21    . DG  B 2 4 ? 1.100   -6.171  2.761   1.00 0.00 ? 13 DG  B H21    1 
ATOM   409 H H22    . DG  B 2 4 ? 0.236   -6.410  4.265   1.00 0.00 ? 13 DG  B H22    1 
ATOM   410 P P      . DG  B 2 5 ? -3.580  -2.928  9.467   1.00 0.00 ? 14 DG  B P      1 
ATOM   411 O OP1    . DG  B 2 5 ? -3.572  -4.345  9.892   1.00 0.00 ? 14 DG  B OP1    1 
ATOM   412 O OP2    . DG  B 2 5 ? -4.493  -1.964  10.118  1.00 0.00 ? 14 DG  B OP2    1 
ATOM   413 O "O5'"  . DG  B 2 5 ? -2.077  -2.353  9.560   1.00 0.00 ? 14 DG  B "O5'"  1 
ATOM   414 C "C5'"  . DG  B 2 5 ? -1.820  -0.967  9.697   1.00 0.00 ? 14 DG  B "C5'"  1 
ATOM   415 C "C4'"  . DG  B 2 5 ? -0.352  -0.676  9.350   1.00 0.00 ? 14 DG  B "C4'"  1 
ATOM   416 O "O4'"  . DG  B 2 5 ? -0.206  -0.651  7.935   1.00 0.00 ? 14 DG  B "O4'"  1 
ATOM   417 C "C3'"  . DG  B 2 5 ? 0.149   0.682   9.877   1.00 0.00 ? 14 DG  B "C3'"  1 
ATOM   418 O "O3'"  . DG  B 2 5 ? 1.440   0.483   10.430  1.00 0.00 ? 14 DG  B "O3'"  1 
ATOM   419 C "C2'"  . DG  B 2 5 ? 0.166   1.523   8.602   1.00 0.00 ? 14 DG  B "C2'"  1 
ATOM   420 C "C1'"  . DG  B 2 5 ? 0.565   0.475   7.573   1.00 0.00 ? 14 DG  B "C1'"  1 
ATOM   421 N N9     . DG  B 2 5 ? 0.272   0.909   6.185   1.00 0.00 ? 14 DG  B N9     1 
ATOM   422 C C8     . DG  B 2 5 ? -0.907  1.378   5.666   1.00 0.00 ? 14 DG  B C8     1 
ATOM   423 N N7     . DG  B 2 5 ? -0.875  1.617   4.384   1.00 0.00 ? 14 DG  B N7     1 
ATOM   424 C C5     . DG  B 2 5 ? 0.431   1.304   4.025   1.00 0.00 ? 14 DG  B C5     1 
ATOM   425 C C6     . DG  B 2 5 ? 1.069   1.334   2.750   1.00 0.00 ? 14 DG  B C6     1 
ATOM   426 O O6     . DG  B 2 5 ? 0.583   1.620   1.659   1.00 0.00 ? 14 DG  B O6     1 
ATOM   427 N N1     . DG  B 2 5 ? 2.399   0.957   2.803   1.00 0.00 ? 14 DG  B N1     1 
ATOM   428 C C2     . DG  B 2 5 ? 3.042   0.561   3.949   1.00 0.00 ? 14 DG  B C2     1 
ATOM   429 N N2     . DG  B 2 5 ? 4.321   0.213   3.863   1.00 0.00 ? 14 DG  B N2     1 
ATOM   430 N N3     . DG  B 2 5 ? 2.444   0.483   5.140   1.00 0.00 ? 14 DG  B N3     1 
ATOM   431 C C4     . DG  B 2 5 ? 1.144   0.879   5.120   1.00 0.00 ? 14 DG  B C4     1 
ATOM   432 H "H5'"  . DG  B 2 5 ? -2.023  -0.686  10.732  1.00 0.00 ? 14 DG  B "H5'"  1 
ATOM   433 H "H5''" . DG  B 2 5 ? -2.465  -0.384  9.037   1.00 0.00 ? 14 DG  B "H5''" 1 
ATOM   434 H "H4'"  . DG  B 2 5 ? 0.267   -1.472  9.769   1.00 0.00 ? 14 DG  B "H4'"  1 
ATOM   435 H "H3'"  . DG  B 2 5 ? -0.518  1.109   10.629  1.00 0.00 ? 14 DG  B "H3'"  1 
ATOM   436 H "H2'"  . DG  B 2 5 ? -0.842  1.891   8.414   1.00 0.00 ? 14 DG  B "H2'"  1 
ATOM   437 H "H2''" . DG  B 2 5 ? 0.865   2.357   8.637   1.00 0.00 ? 14 DG  B "H2''" 1 
ATOM   438 H "H1'"  . DG  B 2 5 ? 1.621   0.232   7.689   1.00 0.00 ? 14 DG  B "H1'"  1 
ATOM   439 H H8     . DG  B 2 5 ? -1.801  1.509   6.257   1.00 0.00 ? 14 DG  B H8     1 
ATOM   440 H H1     . DG  B 2 5 ? 2.899   0.997   1.910   1.00 0.00 ? 14 DG  B H1     1 
ATOM   441 H H21    . DG  B 2 5 ? 4.830   0.269   2.998   1.00 0.00 ? 14 DG  B H21    1 
ATOM   442 H H22    . DG  B 2 5 ? 4.788   -0.053  4.717   1.00 0.00 ? 14 DG  B H22    1 
ATOM   443 P P      . DG  B 2 6 ? 2.332   1.685   11.030  1.00 0.00 ? 15 DG  B P      1 
ATOM   444 O OP1    . DG  B 2 6 ? 3.055   1.188   12.220  1.00 0.00 ? 15 DG  B OP1    1 
ATOM   445 O OP2    . DG  B 2 6 ? 1.493   2.899   11.131  1.00 0.00 ? 15 DG  B OP2    1 
ATOM   446 O "O5'"  . DG  B 2 6 ? 3.400   1.901   9.850   1.00 0.00 ? 15 DG  B "O5'"  1 
ATOM   447 C "C5'"  . DG  B 2 6 ? 4.170   3.083   9.768   1.00 0.00 ? 15 DG  B "C5'"  1 
ATOM   448 C "C4'"  . DG  B 2 6 ? 5.267   2.915   8.708   1.00 0.00 ? 15 DG  B "C4'"  1 
ATOM   449 O "O4'"  . DG  B 2 6 ? 4.685   2.600   7.450   1.00 0.00 ? 15 DG  B "O4'"  1 
ATOM   450 C "C3'"  . DG  B 2 6 ? 6.053   4.219   8.538   1.00 0.00 ? 15 DG  B "C3'"  1 
ATOM   451 O "O3'"  . DG  B 2 6 ? 7.394   3.922   8.193   1.00 0.00 ? 15 DG  B "O3'"  1 
ATOM   452 C "C2'"  . DG  B 2 6 ? 5.292   4.876   7.392   1.00 0.00 ? 15 DG  B "C2'"  1 
ATOM   453 C "C1'"  . DG  B 2 6 ? 4.880   3.673   6.546   1.00 0.00 ? 15 DG  B "C1'"  1 
ATOM   454 N N9     . DG  B 2 6 ? 3.621   3.933   5.815   1.00 0.00 ? 15 DG  B N9     1 
ATOM   455 C C8     . DG  B 2 6 ? 2.361   4.074   6.340   1.00 0.00 ? 15 DG  B C8     1 
ATOM   456 N N7     . DG  B 2 6 ? 1.430   4.278   5.453   1.00 0.00 ? 15 DG  B N7     1 
ATOM   457 C C5     . DG  B 2 6 ? 2.117   4.260   4.244   1.00 0.00 ? 15 DG  B C5     1 
ATOM   458 C C6     . DG  B 2 6 ? 1.631   4.386   2.909   1.00 0.00 ? 15 DG  B C6     1 
ATOM   459 O O6     . DG  B 2 6 ? 0.482   4.601   2.538   1.00 0.00 ? 15 DG  B O6     1 
ATOM   460 N N1     . DG  B 2 6 ? 2.618   4.183   1.960   1.00 0.00 ? 15 DG  B N1     1 
ATOM   461 C C2     . DG  B 2 6 ? 3.941   3.963   2.253   1.00 0.00 ? 15 DG  B C2     1 
ATOM   462 N N2     . DG  B 2 6 ? 4.798   3.863   1.244   1.00 0.00 ? 15 DG  B N2     1 
ATOM   463 N N3     . DG  B 2 6 ? 4.419   3.892   3.499   1.00 0.00 ? 15 DG  B N3     1 
ATOM   464 C C4     . DG  B 2 6 ? 3.456   4.028   4.451   1.00 0.00 ? 15 DG  B C4     1 
ATOM   465 H "H5'"  . DG  B 2 6 ? 4.642   3.275   10.733  1.00 0.00 ? 15 DG  B "H5'"  1 
ATOM   466 H "H5''" . DG  B 2 6 ? 3.519   3.921   9.516   1.00 0.00 ? 15 DG  B "H5''" 1 
ATOM   467 H "H4'"  . DG  B 2 6 ? 5.930   2.109   9.023   1.00 0.00 ? 15 DG  B "H4'"  1 
ATOM   468 H "H3'"  . DG  B 2 6 ? 6.016   4.818   9.448   1.00 0.00 ? 15 DG  B "H3'"  1 
ATOM   469 H "H2'"  . DG  B 2 6 ? 4.417   5.388   7.792   1.00 0.00 ? 15 DG  B "H2'"  1 
ATOM   470 H "H2''" . DG  B 2 6 ? 5.908   5.574   6.831   1.00 0.00 ? 15 DG  B "H2''" 1 
ATOM   471 H "H1'"  . DG  B 2 6 ? 5.692   3.413   5.866   1.00 0.00 ? 15 DG  B "H1'"  1 
ATOM   472 H H8     . DG  B 2 6 ? 2.159   4.024   7.400   1.00 0.00 ? 15 DG  B H8     1 
ATOM   473 H H1     . DG  B 2 6 ? 2.298   4.171   0.990   1.00 0.00 ? 15 DG  B H1     1 
ATOM   474 H H21    . DG  B 2 6 ? 4.473   3.880   0.283   1.00 0.00 ? 15 DG  B H21    1 
ATOM   475 H H22    . DG  B 2 6 ? 5.783   3.823   1.449   1.00 0.00 ? 15 DG  B H22    1 
ATOM   476 P P      . DA  B 2 7 ? 8.541   5.058   8.172   1.00 0.00 ? 16 DA  B P      1 
ATOM   477 O OP1    . DA  B 2 7 ? 9.824   4.421   8.540   1.00 0.00 ? 16 DA  B OP1    1 
ATOM   478 O OP2    . DA  B 2 7 ? 8.056   6.227   8.938   1.00 0.00 ? 16 DA  B OP2    1 
ATOM   479 O "O5'"  . DA  B 2 7 ? 8.612   5.475   6.621   1.00 0.00 ? 16 DA  B "O5'"  1 
ATOM   480 C "C5'"  . DA  B 2 7 ? 9.246   4.633   5.677   1.00 0.00 ? 16 DA  B "C5'"  1 
ATOM   481 C "C4'"  . DA  B 2 7 ? 9.232   5.260   4.279   1.00 0.00 ? 16 DA  B "C4'"  1 
ATOM   482 O "O4'"  . DA  B 2 7 ? 7.894   5.386   3.821   1.00 0.00 ? 16 DA  B "O4'"  1 
ATOM   483 C "C3'"  . DA  B 2 7 ? 9.882   6.653   4.247   1.00 0.00 ? 16 DA  B "C3'"  1 
ATOM   484 O "O3'"  . DA  B 2 7 ? 10.747  6.709   3.126   1.00 0.00 ? 16 DA  B "O3'"  1 
ATOM   485 C "C2'"  . DA  B 2 7 ? 8.660   7.557   4.108   1.00 0.00 ? 16 DA  B "C2'"  1 
ATOM   486 C "C1'"  . DA  B 2 7 ? 7.727   6.681   3.280   1.00 0.00 ? 16 DA  B "C1'"  1 
ATOM   487 N N9     . DA  B 2 7 ? 6.303   7.073   3.382   1.00 0.00 ? 16 DA  B N9     1 
ATOM   488 C C8     . DA  B 2 7 ? 5.577   7.352   4.511   1.00 0.00 ? 16 DA  B C8     1 
ATOM   489 N N7     . DA  B 2 7 ? 4.299   7.528   4.310   1.00 0.00 ? 16 DA  B N7     1 
ATOM   490 C C5     . DA  B 2 7 ? 4.172   7.357   2.937   1.00 0.00 ? 16 DA  B C5     1 
ATOM   491 C C6     . DA  B 2 7 ? 3.069   7.388   2.067   1.00 0.00 ? 16 DA  B C6     1 
ATOM   492 N N6     . DA  B 2 7 ? 1.824   7.558   2.506   1.00 0.00 ? 16 DA  B N6     1 
ATOM   493 N N1     . DA  B 2 7 ? 3.271   7.194   0.756   1.00 0.00 ? 16 DA  B N1     1 
ATOM   494 C C2     . DA  B 2 7 ? 4.509   6.982   0.320   1.00 0.00 ? 16 DA  B C2     1 
ATOM   495 N N3     . DA  B 2 7 ? 5.628   6.920   1.031   1.00 0.00 ? 16 DA  B N3     1 
ATOM   496 C C4     . DA  B 2 7 ? 5.388   7.105   2.355   1.00 0.00 ? 16 DA  B C4     1 
ATOM   497 H "H5'"  . DA  B 2 7 ? 8.736   3.670   5.643   1.00 0.00 ? 16 DA  B "H5'"  1 
ATOM   498 H "H5''" . DA  B 2 7 ? 10.286  4.471   5.969   1.00 0.00 ? 16 DA  B "H5''" 1 
ATOM   499 H "H4'"  . DA  B 2 7 ? 9.771   4.592   3.605   1.00 0.00 ? 16 DA  B "H4'"  1 
ATOM   500 H "H3'"  . DA  B 2 7 ? 10.440  6.867   5.159   1.00 0.00 ? 16 DA  B "H3'"  1 
ATOM   501 H "H2'"  . DA  B 2 7 ? 8.258   7.728   5.105   1.00 0.00 ? 16 DA  B "H2'"  1 
ATOM   502 H "H2''" . DA  B 2 7 ? 8.886   8.508   3.630   1.00 0.00 ? 16 DA  B "H2''" 1 
ATOM   503 H "H1'"  . DA  B 2 7 ? 8.063   6.697   2.245   1.00 0.00 ? 16 DA  B "H1'"  1 
ATOM   504 H H8     . DA  B 2 7 ? 6.031   7.421   5.485   1.00 0.00 ? 16 DA  B H8     1 
ATOM   505 H H61    . DA  B 2 7 ? 1.679   7.717   3.491   1.00 0.00 ? 16 DA  B H61    1 
ATOM   506 H H62    . DA  B 2 7 ? 1.033   7.517   1.870   1.00 0.00 ? 16 DA  B H62    1 
ATOM   507 H H2     . DA  B 2 7 ? 4.618   6.837   -0.743  1.00 0.00 ? 16 DA  B H2     1 
ATOM   508 P P      . DC  B 2 8 ? 11.622  8.014   2.761   1.00 0.00 ? 17 DC  B P      1 
ATOM   509 O OP1    . DC  B 2 8 ? 12.941  7.567   2.263   1.00 0.00 ? 17 DC  B OP1    1 
ATOM   510 O OP2    . DC  B 2 8 ? 11.539  8.978   3.881   1.00 0.00 ? 17 DC  B OP2    1 
ATOM   511 O "O5'"  . DC  B 2 8 ? 10.786  8.604   1.522   1.00 0.00 ? 17 DC  B "O5'"  1 
ATOM   512 C "C5'"  . DC  B 2 8 ? 10.763  7.912   0.288   1.00 0.00 ? 17 DC  B "C5'"  1 
ATOM   513 C "C4'"  . DC  B 2 8 ? 9.781   8.565   -0.686  1.00 0.00 ? 17 DC  B "C4'"  1 
ATOM   514 O "O4'"  . DC  B 2 8 ? 8.479   8.578   -0.124  1.00 0.00 ? 17 DC  B "O4'"  1 
ATOM   515 C "C3'"  . DC  B 2 8 ? 10.157  10.010  -1.055  1.00 0.00 ? 17 DC  B "C3'"  1 
ATOM   516 O "O3'"  . DC  B 2 8 ? 10.308  10.081  -2.464  1.00 0.00 ? 17 DC  B "O3'"  1 
ATOM   517 C "C2'"  . DC  B 2 8 ? 8.956   10.795  -0.520  1.00 0.00 ? 17 DC  B "C2'"  1 
ATOM   518 C "C1'"  . DC  B 2 8 ? 7.837   9.757   -0.558  1.00 0.00 ? 17 DC  B "C1'"  1 
ATOM   519 N N1     . DC  B 2 8 ? 6.704   10.081  0.353   1.00 0.00 ? 17 DC  B N1     1 
ATOM   520 C C2     . DC  B 2 8 ? 5.428   10.267  -0.174  1.00 0.00 ? 17 DC  B C2     1 
ATOM   521 O O2     . DC  B 2 8 ? 5.218   10.264  -1.383  1.00 0.00 ? 17 DC  B O2     1 
ATOM   522 N N3     . DC  B 2 8 ? 4.379   10.478  0.671   1.00 0.00 ? 17 DC  B N3     1 
ATOM   523 C C4     . DC  B 2 8 ? 4.576   10.514  1.993   1.00 0.00 ? 17 DC  B C4     1 
ATOM   524 N N4     . DC  B 2 8 ? 3.523   10.667  2.784   1.00 0.00 ? 17 DC  B N4     1 
ATOM   525 C C5     . DC  B 2 8 ? 5.875   10.349  2.566   1.00 0.00 ? 17 DC  B C5     1 
ATOM   526 C C6     . DC  B 2 8 ? 6.899   10.128  1.707   1.00 0.00 ? 17 DC  B C6     1 
ATOM   527 H "H5'"  . DC  B 2 8 ? 10.446  6.881   0.452   1.00 0.00 ? 17 DC  B "H5'"  1 
ATOM   528 H "H5''" . DC  B 2 8 ? 11.760  7.909   -0.153  1.00 0.00 ? 17 DC  B "H5''" 1 
ATOM   529 H "H4'"  . DC  B 2 8 ? 9.750   7.961   -1.595  1.00 0.00 ? 17 DC  B "H4'"  1 
ATOM   530 H "H3'"  . DC  B 2 8 ? 11.078  10.323  -0.560  1.00 0.00 ? 17 DC  B "H3'"  1 
ATOM   531 H "H2'"  . DC  B 2 8 ? 9.179   11.097  0.502   1.00 0.00 ? 17 DC  B "H2'"  1 
ATOM   532 H "H2''" . DC  B 2 8 ? 8.722   11.667  -1.123  1.00 0.00 ? 17 DC  B "H2''" 1 
ATOM   533 H "H1'"  . DC  B 2 8 ? 7.529   9.625   -1.594  1.00 0.00 ? 17 DC  B "H1'"  1 
ATOM   534 H H41    . DC  B 2 8 ? 2.601   10.756  2.374   1.00 0.00 ? 17 DC  B H41    1 
ATOM   535 H H42    . DC  B 2 8 ? 3.624   10.659  3.785   1.00 0.00 ? 17 DC  B H42    1 
ATOM   536 H H5     . DC  B 2 8 ? 6.068   10.387  3.628   1.00 0.00 ? 17 DC  B H5     1 
ATOM   537 H H6     . DC  B 2 8 ? 7.893   9.976   2.092   1.00 0.00 ? 17 DC  B H6     1 
ATOM   538 P P      . DC  B 2 9 ? 10.755  11.429  -3.231  1.00 0.00 ? 18 DC  B P      1 
ATOM   539 O OP1    . DC  B 2 9 ? 11.443  11.049  -4.483  1.00 0.00 ? 18 DC  B OP1    1 
ATOM   540 O OP2    . DC  B 2 9 ? 11.423  12.326  -2.263  1.00 0.00 ? 18 DC  B OP2    1 
ATOM   541 O "O5'"  . DC  B 2 9 ? 9.322   12.048  -3.613  1.00 0.00 ? 18 DC  B "O5'"  1 
ATOM   542 C "C5'"  . DC  B 2 9 ? 8.997   13.400  -3.364  1.00 0.00 ? 18 DC  B "C5'"  1 
ATOM   543 C "C4'"  . DC  B 2 9 ? 7.495   13.570  -3.595  1.00 0.00 ? 18 DC  B "C4'"  1 
ATOM   544 O "O4'"  . DC  B 2 9 ? 6.754   12.767  -2.690  1.00 0.00 ? 18 DC  B "O4'"  1 
ATOM   545 C "C3'"  . DC  B 2 9 ? 7.005   14.995  -3.353  1.00 0.00 ? 18 DC  B "C3'"  1 
ATOM   546 O "O3'"  . DC  B 2 9 ? 7.307   15.839  -4.447  1.00 0.00 ? 18 DC  B "O3'"  1 
ATOM   547 C "C2'"  . DC  B 2 9 ? 5.517   14.701  -3.217  1.00 0.00 ? 18 DC  B "C2'"  1 
ATOM   548 C "C1'"  . DC  B 2 9 ? 5.491   13.371  -2.460  1.00 0.00 ? 18 DC  B "C1'"  1 
ATOM   549 N N1     . DC  B 2 9 ? 5.230   13.565  -1.008  1.00 0.00 ? 18 DC  B N1     1 
ATOM   550 C C2     . DC  B 2 9 ? 3.917   13.794  -0.609  1.00 0.00 ? 18 DC  B C2     1 
ATOM   551 O O2     . DC  B 2 9 ? 3.015   13.921  -1.433  1.00 0.00 ? 18 DC  B O2     1 
ATOM   552 N N3     . DC  B 2 9 ? 3.621   13.880  0.716   1.00 0.00 ? 18 DC  B N3     1 
ATOM   553 C C4     . DC  B 2 9 ? 4.594   13.775  1.625   1.00 0.00 ? 18 DC  B C4     1 
ATOM   554 N N4     . DC  B 2 9 ? 4.267   13.828  2.911   1.00 0.00 ? 18 DC  B N4     1 
ATOM   555 C C5     . DC  B 2 9 ? 5.955   13.548  1.251   1.00 0.00 ? 18 DC  B C5     1 
ATOM   556 C C6     . DC  B 2 9 ? 6.224   13.452  -0.070  1.00 0.00 ? 18 DC  B C6     1 
ATOM   557 H "H5'"  . DC  B 2 9 ? 9.557   14.045  -4.042  1.00 0.00 ? 18 DC  B "H5'"  1 
ATOM   558 H "H5''" . DC  B 2 9 ? 9.229   13.674  -2.334  1.00 0.00 ? 18 DC  B "H5''" 1 
ATOM   559 H "H4'"  . DC  B 2 9 ? 7.245   13.274  -4.615  1.00 0.00 ? 18 DC  B "H4'"  1 
ATOM   560 H "H3'"  . DC  B 2 9 ? 7.413   15.369  -2.413  1.00 0.00 ? 18 DC  B "H3'"  1 
ATOM   561 H "HO3'" . DC  B 2 9 ? 7.150   17.441  -4.352  1.00 0.00 ? 18 DC  B "HO3'" 1 
ATOM   562 H "H2'"  . DC  B 2 9 ? 4.982   15.499  -2.707  1.00 0.00 ? 18 DC  B "H2'"  1 
ATOM   563 H "H2''" . DC  B 2 9 ? 5.083   14.547  -4.205  1.00 0.00 ? 18 DC  B "H2''" 1 
ATOM   564 H "H1'"  . DC  B 2 9 ? 4.725   12.719  -2.874  1.00 0.00 ? 18 DC  B "H1'"  1 
ATOM   565 H H41    . DC  B 2 9 ? 3.282   13.883  3.152   1.00 0.00 ? 18 DC  B H41    1 
ATOM   566 H H42    . DC  B 2 9 ? 4.963   13.729  3.628   1.00 0.00 ? 18 DC  B H42    1 
ATOM   567 H H5     . DC  B 2 9 ? 6.763   13.435  1.957   1.00 0.00 ? 18 DC  B H5     1 
ATOM   568 H H6     . DC  B 2 9 ? 7.239   13.252  -0.376  1.00 0.00 ? 18 DC  B H6     1 
HETATM 569 C C1     . BAP C 3 . ? 0.473   -3.255  6.250   1.00 0.00 ? 10 BAP A C1     1 
HETATM 570 C C2     . BAP C 3 . ? 1.757   -3.802  6.100   1.00 0.00 ? 10 BAP A C2     1 
HETATM 571 C C3     . BAP C 3 . ? 2.438   -3.683  4.875   1.00 0.00 ? 10 BAP A C3     1 
HETATM 572 C C3A    . BAP C 3 . ? 1.829   -3.018  3.797   1.00 0.00 ? 10 BAP A C3A    1 
HETATM 573 C C4     . BAP C 3 . ? 2.499   -2.889  2.572   1.00 0.00 ? 10 BAP A C4     1 
HETATM 574 C C5     . BAP C 3 . ? 1.888   -2.232  1.500   1.00 0.00 ? 10 BAP A C5     1 
HETATM 575 C C5A    . BAP C 3 . ? 0.584   -1.708  1.623   1.00 0.00 ? 10 BAP A C5A    1 
HETATM 576 C C6     . BAP C 3 . ? -0.054  -1.069  0.527   1.00 0.00 ? 10 BAP A C6     1 
HETATM 577 C C7     . BAP C 3 . ? -1.321  -0.525  0.684   1.00 0.00 ? 10 BAP A C7     1 
HETATM 578 C C8     . BAP C 3 . ? -1.972  -0.627  1.931   1.00 0.00 ? 10 BAP A C8     1 
HETATM 579 C C8A    . BAP C 3 . ? -1.353  -1.256  3.018   1.00 0.00 ? 10 BAP A C8A    1 
HETATM 580 C C9     . BAP C 3 . ? -1.999  -1.316  4.262   1.00 0.00 ? 10 BAP A C9     1 
HETATM 581 C C10    . BAP C 3 . ? -1.382  -1.962  5.345   1.00 0.00 ? 10 BAP A C10    1 
HETATM 582 C C1A    . BAP C 3 . ? -0.131  -2.576  5.178   1.00 0.00 ? 10 BAP A C1A    1 
HETATM 583 C C3B    . BAP C 3 . ? 0.541   -2.472  3.944   1.00 0.00 ? 10 BAP A C3B    1 
HETATM 584 C C5B    . BAP C 3 . ? -0.078  -1.819  2.860   1.00 0.00 ? 10 BAP A C5B    1 
HETATM 585 C "C1'"  . BAP C 3 . ? -2.020  0.214   -0.441  1.00 0.00 ? 10 BAP A "C1'"  1 
HETATM 586 O "O1'"  . BAP C 3 . ? -2.442  1.495   0.002   1.00 0.00 ? 10 BAP A "O1'"  1 
HETATM 587 C "C2'"  . BAP C 3 . ? -1.189  0.415   -1.713  1.00 0.00 ? 10 BAP A "C2'"  1 
HETATM 588 O "O2'"  . BAP C 3 . ? -2.017  0.594   -2.841  1.00 0.00 ? 10 BAP A "O2'"  1 
HETATM 589 C "C3'"  . BAP C 3 . ? -0.239  -0.739  -1.985  1.00 0.00 ? 10 BAP A "C3'"  1 
HETATM 590 O "O3'"  . BAP C 3 . ? -0.995  -1.905  -2.268  1.00 0.00 ? 10 BAP A "O3'"  1 
HETATM 591 C "C4'"  . BAP C 3 . ? 0.682   -0.896  -0.777  1.00 0.00 ? 10 BAP A "C4'"  1 
HETATM 592 H H1     . BAP C 3 . ? -0.064  -3.400  7.175   1.00 0.00 ? 10 BAP A H1     1 
HETATM 593 H H2     . BAP C 3 . ? 2.207   -4.325  6.928   1.00 0.00 ? 10 BAP A H2     1 
HETATM 594 H H3     . BAP C 3 . ? 3.426   -4.103  4.760   1.00 0.00 ? 10 BAP A H3     1 
HETATM 595 H H4     . BAP C 3 . ? 3.488   -3.281  2.410   1.00 0.00 ? 10 BAP A H4     1 
HETATM 596 H H5     . BAP C 3 . ? 2.474   -2.155  0.601   1.00 0.00 ? 10 BAP A H5     1 
HETATM 597 H H8     . BAP C 3 . ? -2.955  -0.197  2.054   1.00 0.00 ? 10 BAP A H8     1 
HETATM 598 H H9     . BAP C 3 . ? -2.946  -0.816  4.398   1.00 0.00 ? 10 BAP A H9     1 
HETATM 599 H H10    . BAP C 3 . ? -1.841  -1.943  6.319   1.00 0.00 ? 10 BAP A H10    1 
HETATM 600 H "H1'"  . BAP C 3 . ? -2.905  -0.368  -0.701  1.00 0.00 ? 10 BAP A "H1'"  1 
HETATM 601 H HO1    . BAP C 3 . ? -3.021  1.378   0.760   1.00 0.00 ? 10 BAP A HO1    1 
HETATM 602 H "H2'"  . BAP C 3 . ? -0.558  1.279   -1.573  1.00 0.00 ? 10 BAP A "H2'"  1 
HETATM 603 H HO2    . BAP C 3 . ? -2.240  -0.284  -3.164  1.00 0.00 ? 10 BAP A HO2    1 
HETATM 604 H "H3'"  . BAP C 3 . ? 0.366   -0.486  -2.853  1.00 0.00 ? 10 BAP A "H3'"  1 
HETATM 605 H HO3    . BAP C 3 . ? -1.134  -2.412  -1.455  1.00 0.00 ? 10 BAP A HO3    1 
HETATM 606 H "H4'2" . BAP C 3 . ? 1.243   -1.802  -0.979  1.00 0.00 ? 10 BAP A "H4'2" 1 
# 
